data_4GVR
#
_entry.id   4GVR
#
_cell.length_a   118.540
_cell.length_b   122.080
_cell.length_c   79.390
_cell.angle_alpha   90.00
_cell.angle_beta   99.02
_cell.angle_gamma   90.00
#
_symmetry.space_group_name_H-M   'C 1 2 1'
#
loop_
_entity.id
_entity.type
_entity.pdbx_description
1 polymer 'Methenyltetrahydromethanopterin cyclohydrolase'
2 water water
#
_entity_poly.entity_id   1
_entity_poly.type   'polypeptide(L)'
_entity_poly.pdbx_seq_one_letter_code
;MLSVNEIAAEIVEDMLDYEEELRIESKKLENGAIVVDCGVNVPGSYDAGIMYTQVCMGGLADVDIVVDTINDVPFAFVTE
YTDHPAIACLGSQKAGWQIKVDKYFAMGSGPARALALKPKKTYERIEYEDDADVAVIALEANQLPDEKVMEFIAKECDVD
PENVYALVAPTASIVGSVQISGRIVQTAIFKMNEIGYDPKLIVSGAGRCPISPILENDLKAMGSTNDSMMYYGSVFLTVK
KYDEILKNVPSCTSRDYGKPFYEIFKAANYDFYKIDPNLFAPAQIAVNDLETGKTYVHGKLNAEVLFQSYQIVLEE
;
_entity_poly.pdbx_strand_id   A,B,C
#
# COMPACT_ATOMS: atom_id res chain seq x y z
N MET A 1 27.21 6.63 -8.42
CA MET A 1 27.10 5.18 -8.07
C MET A 1 26.09 5.01 -6.95
N LEU A 2 25.42 3.86 -6.93
CA LEU A 2 24.49 3.50 -5.86
C LEU A 2 25.23 2.50 -5.00
N SER A 3 25.41 2.84 -3.71
CA SER A 3 26.08 1.92 -2.76
C SER A 3 25.06 1.14 -1.94
N VAL A 4 24.89 -0.16 -2.25
CA VAL A 4 23.91 -0.95 -1.55
C VAL A 4 24.21 -1.05 -0.04
N ASN A 5 25.50 -1.00 0.34
CA ASN A 5 25.83 -1.08 1.76
C ASN A 5 25.50 0.24 2.45
N GLU A 6 25.81 1.36 1.82
CA GLU A 6 25.54 2.67 2.50
C GLU A 6 24.04 2.89 2.61
N ILE A 7 23.30 2.57 1.51
CA ILE A 7 21.84 2.76 1.54
C ILE A 7 21.18 1.81 2.58
N ALA A 8 21.62 0.55 2.62
CA ALA A 8 21.05 -0.41 3.57
C ALA A 8 21.41 -0.07 5.05
N ALA A 9 22.63 0.46 5.23
CA ALA A 9 23.04 0.86 6.59
C ALA A 9 22.11 1.90 7.23
N GLU A 10 21.59 2.80 6.41
CA GLU A 10 20.63 3.81 6.89
C GLU A 10 19.35 3.14 7.39
N ILE A 11 18.91 2.08 6.68
CA ILE A 11 17.71 1.39 7.12
C ILE A 11 17.98 0.62 8.41
N VAL A 12 19.19 0.04 8.52
CA VAL A 12 19.53 -0.68 9.76
C VAL A 12 19.52 0.31 10.92
N GLU A 13 20.14 1.47 10.72
CA GLU A 13 20.14 2.52 11.75
C GLU A 13 18.68 2.91 12.21
N ASP A 14 17.75 2.98 11.24
N ASP A 14 17.76 2.97 11.24
CA ASP A 14 16.32 3.20 11.56
CA ASP A 14 16.35 3.21 11.52
C ASP A 14 15.75 2.08 12.43
C ASP A 14 15.72 2.09 12.38
N MET A 15 16.04 0.82 12.04
CA MET A 15 15.61 -0.32 12.87
C MET A 15 16.12 -0.17 14.32
N LEU A 16 17.35 0.31 14.44
CA LEU A 16 17.94 0.46 15.77
C LEU A 16 17.24 1.49 16.61
N ASP A 17 16.50 2.40 15.96
CA ASP A 17 15.78 3.48 16.69
C ASP A 17 14.45 3.01 17.21
N TYR A 18 13.94 1.89 16.66
CA TYR A 18 12.60 1.42 17.01
C TYR A 18 12.61 -0.03 17.47
N GLU A 19 13.58 -0.44 18.27
CA GLU A 19 13.75 -1.89 18.57
C GLU A 19 12.56 -2.51 19.28
N GLU A 20 12.00 -1.78 20.21
CA GLU A 20 10.91 -2.32 20.99
C GLU A 20 9.63 -2.41 20.17
N GLU A 21 9.36 -1.38 19.40
CA GLU A 21 8.19 -1.34 18.51
C GLU A 21 8.30 -2.52 17.54
N LEU A 22 9.55 -2.68 17.10
CA LEU A 22 9.74 -3.71 16.06
C LEU A 22 9.93 -5.12 16.61
N ARG A 23 10.06 -5.22 17.94
N ARG A 23 9.99 -5.27 17.94
CA ARG A 23 10.25 -6.47 18.66
CA ARG A 23 10.22 -6.57 18.62
C ARG A 23 11.55 -7.18 18.23
C ARG A 23 11.56 -7.21 18.23
N ILE A 24 12.60 -6.38 18.13
CA ILE A 24 13.95 -6.87 17.77
C ILE A 24 14.90 -6.43 18.89
N GLU A 25 16.12 -6.95 18.85
CA GLU A 25 17.10 -6.65 19.86
C GLU A 25 18.49 -6.71 19.23
N SER A 26 19.31 -5.68 19.43
CA SER A 26 20.69 -5.66 18.95
C SER A 26 21.67 -5.77 20.10
N LYS A 27 22.87 -6.23 19.77
CA LYS A 27 24.01 -6.21 20.71
C LYS A 27 25.24 -5.71 19.92
N LYS A 28 26.00 -4.81 20.56
CA LYS A 28 27.34 -4.40 20.07
C LYS A 28 28.37 -5.37 20.65
N LEU A 29 29.06 -6.08 19.76
CA LEU A 29 30.06 -7.07 20.17
C LEU A 29 31.33 -6.35 20.66
N GLU A 30 32.25 -7.09 21.28
CA GLU A 30 33.45 -6.43 21.86
C GLU A 30 34.38 -5.81 20.82
N ASN A 31 34.27 -6.29 19.58
CA ASN A 31 34.99 -5.72 18.43
C ASN A 31 34.19 -4.64 17.65
N GLY A 32 32.98 -4.35 18.15
CA GLY A 32 32.21 -3.20 17.67
C GLY A 32 31.15 -3.59 16.66
N ALA A 33 31.19 -4.84 16.21
CA ALA A 33 30.18 -5.29 15.23
C ALA A 33 28.81 -5.26 15.86
N ILE A 34 27.78 -4.98 15.07
CA ILE A 34 26.44 -4.89 15.61
C ILE A 34 25.62 -6.05 15.06
N VAL A 35 25.12 -6.87 15.98
CA VAL A 35 24.30 -8.02 15.61
C VAL A 35 22.86 -7.72 16.00
N VAL A 36 21.97 -7.66 14.99
CA VAL A 36 20.54 -7.32 15.19
C VAL A 36 19.71 -8.61 15.16
N ASP A 37 19.22 -9.05 16.30
CA ASP A 37 18.38 -10.24 16.34
C ASP A 37 16.98 -9.90 15.88
N CYS A 38 16.57 -10.45 14.70
CA CYS A 38 15.24 -10.18 14.17
C CYS A 38 14.30 -11.36 14.33
N GLY A 39 14.74 -12.40 15.05
CA GLY A 39 13.80 -13.49 15.31
C GLY A 39 14.32 -14.75 15.93
N VAL A 40 15.56 -14.73 16.47
CA VAL A 40 16.12 -15.95 17.05
C VAL A 40 15.55 -16.08 18.44
N ASN A 41 15.83 -15.06 19.25
CA ASN A 41 15.39 -14.99 20.69
C ASN A 41 14.37 -13.88 20.96
N VAL A 42 13.82 -13.29 19.90
CA VAL A 42 12.83 -12.25 19.96
C VAL A 42 11.74 -12.58 18.93
N PRO A 43 10.55 -11.98 19.06
CA PRO A 43 9.49 -12.33 18.07
C PRO A 43 9.70 -11.72 16.70
N GLY A 44 10.39 -10.63 16.52
CA GLY A 44 10.29 -9.79 15.30
C GLY A 44 8.85 -9.34 14.99
N SER A 45 8.60 -8.87 13.74
CA SER A 45 7.38 -8.16 13.49
C SER A 45 7.20 -8.18 11.91
N TYR A 46 6.00 -7.84 11.44
CA TYR A 46 5.80 -7.58 10.03
C TYR A 46 6.74 -6.50 9.48
N ASP A 47 6.84 -5.37 10.22
CA ASP A 47 7.67 -4.26 9.78
C ASP A 47 9.17 -4.55 9.91
N ALA A 48 9.57 -5.41 10.86
CA ALA A 48 10.97 -5.81 10.88
C ALA A 48 11.28 -6.64 9.63
N GLY A 49 10.25 -7.41 9.24
CA GLY A 49 10.28 -8.30 8.04
C GLY A 49 10.47 -7.47 6.79
N ILE A 50 9.63 -6.45 6.65
CA ILE A 50 9.77 -5.47 5.55
C ILE A 50 11.21 -4.87 5.50
N MET A 51 11.67 -4.39 6.67
CA MET A 51 12.95 -3.69 6.67
C MET A 51 14.10 -4.65 6.37
N TYR A 52 14.00 -5.89 6.87
CA TYR A 52 14.99 -6.90 6.55
C TYR A 52 15.04 -7.15 5.02
N THR A 53 13.86 -7.22 4.40
CA THR A 53 13.77 -7.37 2.95
C THR A 53 14.39 -6.17 2.22
N GLN A 54 14.06 -4.96 2.68
CA GLN A 54 14.55 -3.73 2.00
C GLN A 54 16.09 -3.77 2.06
N VAL A 55 16.61 -4.12 3.23
CA VAL A 55 18.05 -4.22 3.46
C VAL A 55 18.71 -5.24 2.51
N CYS A 56 18.08 -6.43 2.43
CA CYS A 56 18.52 -7.47 1.50
C CYS A 56 18.60 -6.97 0.05
N MET A 57 17.63 -6.13 -0.33
CA MET A 57 17.57 -5.52 -1.66
C MET A 57 18.39 -4.24 -1.83
N GLY A 58 19.30 -4.04 -0.87
CA GLY A 58 20.24 -2.90 -0.84
C GLY A 58 19.59 -1.52 -0.84
N GLY A 59 18.35 -1.47 -0.33
CA GLY A 59 17.58 -0.25 -0.32
C GLY A 59 17.14 0.25 -1.69
N LEU A 60 17.22 -0.64 -2.70
CA LEU A 60 16.83 -0.27 -4.11
C LEU A 60 15.48 -0.79 -4.57
N ALA A 61 14.62 -1.11 -3.61
CA ALA A 61 13.33 -1.67 -3.89
C ALA A 61 12.25 -1.07 -2.98
N ASP A 62 11.01 -1.04 -3.48
CA ASP A 62 9.83 -0.82 -2.66
C ASP A 62 9.29 -2.10 -2.15
N VAL A 63 9.02 -2.20 -0.85
CA VAL A 63 8.46 -3.40 -0.23
C VAL A 63 7.32 -2.98 0.68
N ASP A 64 6.12 -3.52 0.48
CA ASP A 64 4.93 -3.25 1.30
C ASP A 64 4.16 -4.50 1.57
N ILE A 65 3.34 -4.49 2.61
CA ILE A 65 2.45 -5.59 2.92
C ILE A 65 1.01 -5.12 2.75
N VAL A 66 0.24 -5.95 2.05
N VAL A 66 0.23 -5.92 2.02
CA VAL A 66 -1.18 -5.75 1.83
CA VAL A 66 -1.21 -5.72 1.90
C VAL A 66 -1.88 -7.06 2.21
C VAL A 66 -1.90 -7.04 2.18
N VAL A 67 -3.07 -6.97 2.78
CA VAL A 67 -3.81 -8.15 3.16
C VAL A 67 -4.83 -8.39 2.00
N ASP A 68 -5.02 -9.65 1.52
CA ASP A 68 -5.94 -9.97 0.40
C ASP A 68 -6.25 -11.43 0.62
N THR A 69 -6.99 -12.03 -0.33
CA THR A 69 -7.50 -13.36 -0.07
C THR A 69 -7.07 -14.32 -1.20
N ILE A 70 -6.94 -15.61 -0.84
CA ILE A 70 -6.84 -16.71 -1.89
C ILE A 70 -7.96 -17.61 -1.56
N ASN A 71 -8.78 -17.79 -2.59
CA ASN A 71 -10.02 -18.57 -2.46
C ASN A 71 -10.76 -18.20 -1.15
N ASP A 72 -10.83 -16.87 -0.91
CA ASP A 72 -11.51 -16.28 0.24
C ASP A 72 -10.77 -16.32 1.58
N VAL A 73 -9.72 -17.11 1.66
CA VAL A 73 -8.93 -17.20 2.87
C VAL A 73 -7.98 -15.99 2.90
N PRO A 74 -8.01 -15.22 4.05
CA PRO A 74 -7.15 -14.04 4.10
C PRO A 74 -5.66 -14.32 4.46
N PHE A 75 -4.78 -13.69 3.72
CA PHE A 75 -3.34 -13.76 3.92
C PHE A 75 -2.74 -12.36 3.81
N ALA A 76 -1.65 -12.18 4.54
CA ALA A 76 -0.79 -11.03 4.24
C ALA A 76 0.07 -11.36 3.02
N PHE A 77 0.25 -10.36 2.18
CA PHE A 77 1.05 -10.52 0.98
C PHE A 77 2.13 -9.49 0.93
N VAL A 78 3.28 -9.86 0.39
CA VAL A 78 4.28 -8.87 -0.01
C VAL A 78 3.91 -8.35 -1.41
N THR A 79 3.89 -7.05 -1.61
CA THR A 79 3.91 -6.44 -2.96
C THR A 79 5.20 -5.59 -3.02
N GLU A 80 6.00 -5.68 -4.07
CA GLU A 80 7.31 -5.06 -4.13
C GLU A 80 7.66 -4.75 -5.56
N TYR A 81 8.55 -3.84 -5.82
CA TYR A 81 9.05 -3.57 -7.17
C TYR A 81 10.42 -2.92 -7.08
N THR A 82 11.15 -2.97 -8.18
CA THR A 82 12.50 -2.38 -8.22
C THR A 82 12.83 -2.08 -9.68
N ASP A 83 13.48 -0.97 -9.91
CA ASP A 83 14.06 -0.57 -11.19
C ASP A 83 15.59 -0.78 -11.17
N HIS A 84 16.09 -1.57 -10.19
CA HIS A 84 17.48 -2.03 -10.26
C HIS A 84 17.55 -3.51 -9.99
N PRO A 85 16.78 -4.30 -10.82
CA PRO A 85 16.71 -5.71 -10.39
C PRO A 85 18.02 -6.51 -10.41
N ALA A 86 18.93 -6.24 -11.36
CA ALA A 86 20.22 -6.99 -11.37
C ALA A 86 21.02 -6.72 -10.06
N ILE A 87 21.18 -5.44 -9.71
CA ILE A 87 21.93 -5.09 -8.48
C ILE A 87 21.18 -5.50 -7.20
N ALA A 88 19.91 -5.08 -7.09
CA ALA A 88 19.10 -5.38 -5.91
C ALA A 88 18.93 -6.88 -5.62
N CYS A 89 18.71 -7.65 -6.68
CA CYS A 89 18.35 -9.07 -6.49
C CYS A 89 19.54 -10.04 -6.63
N LEU A 90 20.38 -9.80 -7.65
CA LEU A 90 21.53 -10.67 -7.86
C LEU A 90 22.78 -10.22 -7.09
N GLY A 91 23.04 -8.89 -7.12
CA GLY A 91 24.21 -8.33 -6.47
C GLY A 91 24.01 -8.17 -4.98
N SER A 92 22.78 -8.30 -4.50
CA SER A 92 22.52 -8.10 -3.05
C SER A 92 21.63 -9.17 -2.43
N GLN A 93 20.37 -9.24 -2.83
CA GLN A 93 19.41 -10.05 -2.05
C GLN A 93 19.74 -11.56 -2.01
N LYS A 94 20.05 -12.17 -3.18
CA LYS A 94 20.22 -13.64 -3.29
C LYS A 94 21.17 -14.12 -2.18
N ALA A 95 20.81 -15.24 -1.55
CA ALA A 95 21.64 -15.82 -0.48
C ALA A 95 22.81 -16.55 -1.14
N GLY A 96 23.80 -15.81 -1.61
CA GLY A 96 24.81 -16.36 -2.52
C GLY A 96 26.16 -16.58 -1.87
N TRP A 97 26.31 -16.17 -0.60
CA TRP A 97 27.60 -16.28 0.09
C TRP A 97 27.59 -17.35 1.15
N GLN A 98 28.41 -18.40 0.95
CA GLN A 98 28.57 -19.47 1.96
C GLN A 98 29.56 -18.98 3.01
N ILE A 99 29.03 -18.59 4.19
N ILE A 99 29.07 -18.67 4.21
CA ILE A 99 29.86 -18.19 5.36
CA ILE A 99 29.94 -18.20 5.30
C ILE A 99 30.23 -19.44 6.13
C ILE A 99 30.25 -19.31 6.27
N LYS A 100 31.52 -19.71 6.28
CA LYS A 100 31.99 -20.86 7.05
C LYS A 100 33.21 -20.45 7.86
N VAL A 101 33.07 -20.48 9.19
CA VAL A 101 34.08 -19.99 10.13
C VAL A 101 34.19 -21.09 11.15
N ASP A 102 35.22 -21.92 10.98
CA ASP A 102 35.39 -23.12 11.78
C ASP A 102 34.08 -23.97 11.76
N LYS A 103 33.34 -23.86 12.87
CA LYS A 103 32.06 -24.54 13.05
C LYS A 103 30.75 -23.77 12.74
N TYR A 104 30.77 -22.43 12.59
CA TYR A 104 29.57 -21.63 12.16
C TYR A 104 29.41 -21.85 10.69
N PHE A 105 28.17 -21.99 10.28
CA PHE A 105 27.83 -21.93 8.88
C PHE A 105 26.51 -21.21 8.76
N ALA A 106 26.46 -20.30 7.80
CA ALA A 106 25.22 -19.68 7.40
C ALA A 106 25.36 -19.26 5.95
N MET A 107 24.24 -19.26 5.24
CA MET A 107 24.20 -18.59 3.97
C MET A 107 23.93 -17.09 4.18
N GLY A 108 24.75 -16.30 3.50
CA GLY A 108 24.70 -14.84 3.66
C GLY A 108 23.96 -14.23 2.50
N SER A 109 23.05 -13.30 2.81
CA SER A 109 22.28 -12.53 1.82
C SER A 109 22.61 -11.05 2.03
N GLY A 110 22.37 -10.19 1.03
CA GLY A 110 22.44 -8.77 1.31
C GLY A 110 23.67 -8.01 0.82
N PRO A 111 23.77 -6.70 1.25
CA PRO A 111 24.70 -5.82 0.54
C PRO A 111 26.17 -6.20 0.73
N ALA A 112 26.50 -6.85 1.83
CA ALA A 112 27.92 -7.21 2.10
C ALA A 112 28.47 -8.08 0.95
N ARG A 113 27.59 -8.85 0.32
CA ARG A 113 27.98 -9.68 -0.85
C ARG A 113 28.73 -8.87 -1.90
N ALA A 114 28.26 -7.63 -2.14
CA ALA A 114 28.80 -6.72 -3.17
C ALA A 114 30.14 -6.07 -2.78
N LEU A 115 30.59 -6.34 -1.56
CA LEU A 115 31.95 -5.96 -1.12
C LEU A 115 32.87 -7.17 -1.15
N ALA A 116 32.41 -8.29 -0.58
CA ALA A 116 33.19 -9.55 -0.59
C ALA A 116 33.26 -10.24 -2.01
N LEU A 117 32.35 -9.84 -2.88
CA LEU A 117 32.21 -10.36 -4.24
C LEU A 117 31.97 -11.84 -4.20
N LYS A 118 30.83 -12.18 -3.59
CA LYS A 118 30.41 -13.56 -3.32
C LYS A 118 29.04 -13.92 -3.96
N PRO A 119 29.03 -14.76 -5.03
CA PRO A 119 30.21 -15.40 -5.66
C PRO A 119 30.85 -14.45 -6.70
N LYS A 120 32.09 -14.73 -7.10
CA LYS A 120 32.86 -13.88 -7.99
C LYS A 120 32.14 -13.54 -9.33
N LYS A 121 31.60 -14.59 -9.99
CA LYS A 121 31.03 -14.56 -11.36
C LYS A 121 29.80 -13.66 -11.46
N THR A 122 29.04 -13.55 -10.37
CA THR A 122 27.79 -12.76 -10.32
C THR A 122 28.09 -11.30 -10.63
N TYR A 123 29.15 -10.79 -10.00
CA TYR A 123 29.51 -9.36 -10.10
C TYR A 123 30.07 -8.99 -11.48
N GLU A 124 30.71 -9.98 -12.12
CA GLU A 124 31.14 -9.82 -13.48
C GLU A 124 29.95 -9.76 -14.43
N ARG A 125 28.95 -10.63 -14.20
CA ARG A 125 27.81 -10.80 -15.14
C ARG A 125 26.92 -9.52 -15.05
N ILE A 126 26.77 -8.94 -13.84
CA ILE A 126 25.95 -7.74 -13.69
C ILE A 126 26.76 -6.41 -13.71
N GLU A 127 28.09 -6.52 -13.71
CA GLU A 127 29.00 -5.32 -13.77
C GLU A 127 28.70 -4.34 -12.66
N TYR A 128 28.77 -4.84 -11.42
CA TYR A 128 28.60 -4.02 -10.25
C TYR A 128 29.57 -4.49 -9.18
N GLU A 129 30.13 -3.52 -8.45
CA GLU A 129 30.89 -3.73 -7.22
C GLU A 129 30.66 -2.51 -6.33
N ASP A 130 30.41 -2.75 -5.03
CA ASP A 130 30.19 -1.64 -4.13
C ASP A 130 31.57 -1.17 -3.66
N ASP A 131 31.58 0.10 -3.28
CA ASP A 131 32.71 0.75 -2.59
C ASP A 131 32.09 1.44 -1.39
N ALA A 132 32.35 0.91 -0.21
CA ALA A 132 31.82 1.47 1.04
C ALA A 132 32.75 1.05 2.16
N ASP A 133 32.75 1.80 3.27
CA ASP A 133 33.38 1.28 4.47
C ASP A 133 32.44 0.84 5.57
N VAL A 134 31.24 0.44 5.16
CA VAL A 134 30.29 -0.22 6.04
C VAL A 134 29.83 -1.44 5.28
N ALA A 135 29.51 -2.53 5.99
CA ALA A 135 29.01 -3.74 5.37
C ALA A 135 27.79 -4.20 6.15
N VAL A 136 26.77 -4.62 5.40
CA VAL A 136 25.51 -5.09 6.01
C VAL A 136 25.14 -6.47 5.42
N ILE A 137 25.09 -7.49 6.30
N ILE A 137 25.06 -7.47 6.31
CA ILE A 137 24.72 -8.86 5.88
CA ILE A 137 24.74 -8.86 5.89
C ILE A 137 23.43 -9.30 6.57
C ILE A 137 23.43 -9.30 6.57
N ALA A 138 22.67 -10.18 5.91
CA ALA A 138 21.46 -10.77 6.48
C ALA A 138 21.71 -12.28 6.51
N LEU A 139 21.43 -12.89 7.65
CA LEU A 139 21.64 -14.31 7.86
C LEU A 139 20.35 -15.02 8.22
N GLU A 140 20.08 -16.13 7.53
CA GLU A 140 18.98 -16.93 7.93
C GLU A 140 19.51 -18.10 8.75
N ALA A 141 19.20 -18.08 10.04
CA ALA A 141 19.91 -18.90 11.00
C ALA A 141 19.14 -18.90 12.30
N ASN A 142 19.30 -19.97 13.07
CA ASN A 142 18.67 -20.04 14.39
C ASN A 142 19.70 -19.83 15.53
N GLN A 143 20.85 -19.26 15.15
CA GLN A 143 21.93 -18.94 16.08
C GLN A 143 22.47 -17.58 15.66
N LEU A 144 22.84 -16.78 16.65
CA LEU A 144 23.42 -15.45 16.38
C LEU A 144 24.92 -15.59 16.16
N PRO A 145 25.49 -14.83 15.21
CA PRO A 145 26.95 -14.88 15.01
C PRO A 145 27.71 -14.15 16.10
N ASP A 146 28.87 -14.70 16.48
CA ASP A 146 29.72 -14.14 17.52
C ASP A 146 30.84 -13.27 16.93
N GLU A 147 31.72 -12.77 17.80
CA GLU A 147 32.81 -11.86 17.38
C GLU A 147 33.66 -12.45 16.23
N LYS A 148 34.08 -13.70 16.38
CA LYS A 148 34.89 -14.38 15.33
C LYS A 148 34.20 -14.45 13.93
N VAL A 149 32.89 -14.74 13.90
CA VAL A 149 32.13 -14.73 12.65
C VAL A 149 32.12 -13.32 12.09
N MET A 150 31.82 -12.32 12.95
CA MET A 150 31.72 -10.95 12.44
C MET A 150 33.06 -10.42 11.95
N GLU A 151 34.15 -10.82 12.64
CA GLU A 151 35.51 -10.50 12.23
C GLU A 151 35.80 -11.01 10.84
N PHE A 152 35.36 -12.25 10.58
CA PHE A 152 35.62 -12.90 9.29
C PHE A 152 34.87 -12.12 8.18
N ILE A 153 33.58 -11.84 8.41
CA ILE A 153 32.76 -11.12 7.42
C ILE A 153 33.39 -9.76 7.09
N ALA A 154 33.81 -9.05 8.15
CA ALA A 154 34.46 -7.75 7.97
C ALA A 154 35.77 -7.85 7.16
N LYS A 155 36.65 -8.80 7.49
CA LYS A 155 37.89 -8.99 6.69
C LYS A 155 37.56 -9.33 5.24
N GLU A 156 36.54 -10.15 5.01
CA GLU A 156 36.21 -10.52 3.63
C GLU A 156 35.70 -9.31 2.83
N CYS A 157 34.95 -8.43 3.48
CA CYS A 157 34.46 -7.16 2.93
C CYS A 157 35.48 -5.99 2.90
N ASP A 158 36.66 -6.19 3.53
CA ASP A 158 37.67 -5.12 3.65
C ASP A 158 37.14 -3.89 4.41
N VAL A 159 36.41 -4.15 5.49
N VAL A 159 36.35 -4.11 5.45
CA VAL A 159 35.78 -3.13 6.32
CA VAL A 159 35.86 -3.03 6.30
C VAL A 159 36.25 -3.40 7.78
C VAL A 159 36.30 -3.36 7.74
N ASP A 160 36.37 -2.38 8.62
CA ASP A 160 36.69 -2.60 10.04
C ASP A 160 35.48 -3.28 10.72
N PRO A 161 35.72 -4.24 11.64
CA PRO A 161 34.60 -4.89 12.36
C PRO A 161 33.62 -3.94 13.07
N GLU A 162 34.11 -2.77 13.52
CA GLU A 162 33.20 -1.74 14.05
C GLU A 162 32.15 -1.27 13.03
N ASN A 163 32.42 -1.45 11.73
CA ASN A 163 31.48 -1.00 10.68
C ASN A 163 30.69 -2.11 9.95
N VAL A 164 30.46 -3.22 10.64
CA VAL A 164 29.69 -4.33 10.09
C VAL A 164 28.41 -4.50 10.90
N TYR A 165 27.30 -4.71 10.19
CA TYR A 165 25.96 -5.01 10.76
C TYR A 165 25.51 -6.36 10.23
N ALA A 166 24.88 -7.13 11.11
CA ALA A 166 24.19 -8.38 10.70
C ALA A 166 22.77 -8.37 11.18
N LEU A 167 21.86 -8.63 10.25
CA LEU A 167 20.48 -8.97 10.61
C LEU A 167 20.33 -10.45 10.59
N VAL A 168 19.66 -10.99 11.60
CA VAL A 168 19.53 -12.47 11.70
C VAL A 168 18.11 -12.89 12.08
N ALA A 169 17.56 -13.88 11.37
CA ALA A 169 16.24 -14.46 11.70
C ALA A 169 16.21 -15.93 11.20
N PRO A 170 15.57 -16.84 11.96
CA PRO A 170 15.39 -18.22 11.42
C PRO A 170 14.29 -18.33 10.34
N THR A 171 14.35 -19.42 9.62
CA THR A 171 13.36 -19.60 8.60
C THR A 171 11.93 -19.54 9.15
N ALA A 172 11.72 -20.20 10.30
CA ALA A 172 10.40 -20.28 10.91
C ALA A 172 10.30 -19.11 11.90
N SER A 173 9.86 -17.97 11.38
CA SER A 173 9.72 -16.70 12.18
C SER A 173 8.94 -15.74 11.28
N ILE A 174 8.34 -14.70 11.86
CA ILE A 174 7.63 -13.77 11.01
C ILE A 174 8.58 -13.09 10.02
N VAL A 175 9.76 -12.74 10.47
CA VAL A 175 10.68 -12.06 9.60
C VAL A 175 11.15 -13.03 8.52
N GLY A 176 11.34 -14.32 8.89
CA GLY A 176 11.63 -15.36 7.88
C GLY A 176 10.54 -15.44 6.80
N SER A 177 9.29 -15.47 7.25
CA SER A 177 8.21 -15.59 6.24
C SER A 177 8.14 -14.37 5.33
N VAL A 178 8.30 -13.17 5.95
CA VAL A 178 8.14 -11.95 5.15
C VAL A 178 9.31 -11.83 4.15
N GLN A 179 10.57 -12.00 4.63
CA GLN A 179 11.77 -11.77 3.82
C GLN A 179 11.87 -12.80 2.67
N ILE A 180 11.43 -14.05 2.92
CA ILE A 180 11.45 -15.09 1.86
C ILE A 180 10.40 -14.80 0.78
N SER A 181 9.14 -14.50 1.15
CA SER A 181 8.17 -14.12 0.05
C SER A 181 8.62 -12.81 -0.60
N GLY A 182 9.34 -12.00 0.20
CA GLY A 182 9.94 -10.73 -0.30
C GLY A 182 11.05 -10.97 -1.37
N ARG A 183 11.35 -12.26 -1.64
CA ARG A 183 12.30 -12.63 -2.72
C ARG A 183 11.60 -12.93 -4.05
N ILE A 184 10.32 -12.54 -4.14
CA ILE A 184 9.59 -12.96 -5.34
C ILE A 184 10.22 -12.40 -6.63
N VAL A 185 10.60 -11.14 -6.66
CA VAL A 185 11.29 -10.60 -7.82
C VAL A 185 12.62 -11.33 -8.04
N GLN A 186 13.41 -11.50 -6.97
CA GLN A 186 14.70 -12.20 -7.03
C GLN A 186 14.59 -13.58 -7.70
N THR A 187 13.63 -14.36 -7.25
N THR A 187 13.62 -14.34 -7.24
CA THR A 187 13.46 -15.70 -7.83
CA THR A 187 13.43 -15.70 -7.81
C THR A 187 13.37 -15.66 -9.36
C THR A 187 13.30 -15.70 -9.34
N ALA A 188 12.61 -14.69 -9.87
CA ALA A 188 12.51 -14.47 -11.30
C ALA A 188 13.87 -14.11 -11.90
N ILE A 189 14.52 -13.06 -11.37
CA ILE A 189 15.78 -12.56 -11.90
C ILE A 189 16.82 -13.69 -11.90
N PHE A 190 16.98 -14.33 -10.76
CA PHE A 190 17.97 -15.39 -10.60
C PHE A 190 17.69 -16.55 -11.59
N LYS A 191 16.43 -17.00 -11.70
CA LYS A 191 16.09 -18.09 -12.64
C LYS A 191 16.44 -17.68 -14.09
N MET A 192 16.05 -16.47 -14.48
CA MET A 192 16.40 -15.94 -15.81
C MET A 192 17.90 -16.00 -16.07
N ASN A 193 18.73 -15.61 -15.09
CA ASN A 193 20.18 -15.65 -15.35
C ASN A 193 20.67 -17.08 -15.43
N GLU A 194 20.16 -17.91 -14.52
CA GLU A 194 20.42 -19.39 -14.51
C GLU A 194 20.17 -20.12 -15.87
N ILE A 195 19.12 -19.75 -16.60
CA ILE A 195 18.77 -20.39 -17.90
C ILE A 195 19.46 -19.69 -19.09
N GLY A 196 20.36 -18.73 -18.79
CA GLY A 196 21.22 -18.15 -19.83
C GLY A 196 20.87 -16.74 -20.29
N TYR A 197 19.75 -16.19 -19.79
CA TYR A 197 19.34 -14.82 -20.14
C TYR A 197 20.19 -13.76 -19.42
N ASP A 198 20.70 -12.79 -20.19
CA ASP A 198 21.56 -11.72 -19.64
C ASP A 198 20.79 -10.80 -18.66
N PRO A 199 21.13 -10.80 -17.33
CA PRO A 199 20.30 -9.98 -16.45
C PRO A 199 20.50 -8.48 -16.70
N LYS A 200 21.50 -8.11 -17.50
CA LYS A 200 21.68 -6.70 -17.83
C LYS A 200 20.59 -6.21 -18.83
N LEU A 201 19.82 -7.14 -19.41
CA LEU A 201 18.69 -6.81 -20.29
C LEU A 201 17.43 -6.51 -19.50
N ILE A 202 17.46 -6.73 -18.20
CA ILE A 202 16.24 -6.61 -17.39
C ILE A 202 16.12 -5.18 -16.91
N VAL A 203 15.00 -4.55 -17.19
CA VAL A 203 14.81 -3.14 -16.89
C VAL A 203 14.24 -2.97 -15.50
N SER A 204 13.24 -3.78 -15.18
CA SER A 204 12.55 -3.65 -13.85
C SER A 204 11.71 -4.90 -13.56
N GLY A 205 11.26 -5.03 -12.31
CA GLY A 205 10.40 -6.13 -11.93
C GLY A 205 9.50 -5.72 -10.77
N ALA A 206 8.30 -6.28 -10.73
CA ALA A 206 7.28 -6.00 -9.76
C ALA A 206 6.60 -7.35 -9.44
N GLY A 207 6.42 -7.65 -8.17
CA GLY A 207 6.06 -8.94 -7.73
C GLY A 207 5.06 -8.94 -6.59
N ARG A 208 4.20 -9.97 -6.50
CA ARG A 208 3.28 -10.16 -5.40
C ARG A 208 3.49 -11.58 -4.89
N CYS A 209 3.39 -11.81 -3.60
CA CYS A 209 3.60 -13.18 -3.09
C CYS A 209 3.02 -13.26 -1.67
N PRO A 210 2.19 -14.29 -1.38
CA PRO A 210 1.63 -14.41 -0.02
C PRO A 210 2.73 -14.71 0.97
N ILE A 211 2.55 -14.23 2.21
CA ILE A 211 3.49 -14.52 3.26
C ILE A 211 3.11 -15.82 3.97
N SER A 212 4.04 -16.76 4.07
CA SER A 212 3.66 -18.06 4.60
C SER A 212 3.25 -17.92 6.05
N PRO A 213 2.22 -18.62 6.55
CA PRO A 213 2.08 -18.83 8.03
C PRO A 213 3.35 -19.46 8.55
N ILE A 214 3.58 -19.35 9.86
CA ILE A 214 4.78 -19.88 10.45
C ILE A 214 4.48 -21.30 10.85
N LEU A 215 5.26 -22.22 10.29
CA LEU A 215 5.03 -23.66 10.51
C LEU A 215 5.84 -24.04 11.73
N GLU A 216 5.72 -25.29 12.18
CA GLU A 216 6.17 -25.63 13.52
C GLU A 216 7.68 -25.84 13.68
N ASN A 217 8.44 -25.76 12.58
CA ASN A 217 9.90 -25.85 12.66
C ASN A 217 10.55 -25.34 11.38
N ASP A 218 11.88 -25.09 11.45
CA ASP A 218 12.62 -24.50 10.33
C ASP A 218 12.54 -25.32 9.04
N LEU A 219 12.58 -26.64 9.17
CA LEU A 219 12.48 -27.52 7.98
C LEU A 219 11.14 -27.43 7.24
N LYS A 220 10.02 -27.47 7.96
CA LYS A 220 8.69 -27.23 7.37
C LYS A 220 8.62 -25.82 6.75
N ALA A 221 9.08 -24.81 7.50
CA ALA A 221 9.11 -23.41 7.01
C ALA A 221 9.93 -23.24 5.75
N MET A 222 11.06 -23.95 5.64
CA MET A 222 11.84 -23.95 4.38
C MET A 222 10.92 -24.33 3.22
N GLY A 223 10.06 -25.30 3.50
CA GLY A 223 9.11 -25.77 2.46
C GLY A 223 8.04 -24.73 2.11
N SER A 224 7.29 -24.28 3.10
CA SER A 224 6.16 -23.38 2.85
C SER A 224 6.63 -22.02 2.31
N THR A 225 7.75 -21.50 2.82
CA THR A 225 8.24 -20.24 2.27
C THR A 225 8.70 -20.31 0.81
N ASN A 226 9.43 -21.37 0.45
CA ASN A 226 9.73 -21.59 -0.97
C ASN A 226 8.43 -21.75 -1.76
N ASP A 227 7.50 -22.49 -1.20
CA ASP A 227 6.23 -22.78 -1.94
C ASP A 227 5.45 -21.45 -2.23
N SER A 228 5.53 -20.47 -1.31
CA SER A 228 4.84 -19.15 -1.49
C SER A 228 5.17 -18.63 -2.91
N MET A 229 6.47 -18.65 -3.22
CA MET A 229 6.95 -18.22 -4.53
C MET A 229 6.62 -19.18 -5.68
N MET A 230 6.96 -20.44 -5.48
CA MET A 230 6.89 -21.48 -6.55
C MET A 230 5.46 -21.77 -6.99
N TYR A 231 4.52 -21.70 -6.04
CA TYR A 231 3.11 -22.03 -6.31
C TYR A 231 2.20 -20.82 -6.33
N TYR A 232 2.63 -19.67 -5.84
CA TYR A 232 1.68 -18.56 -5.74
C TYR A 232 2.34 -17.18 -5.84
N GLY A 233 3.54 -17.16 -6.43
CA GLY A 233 4.28 -15.91 -6.67
C GLY A 233 4.17 -15.42 -8.10
N SER A 234 3.73 -14.18 -8.29
CA SER A 234 3.44 -13.56 -9.61
C SER A 234 4.43 -12.42 -9.85
N VAL A 235 5.08 -12.32 -11.02
CA VAL A 235 6.00 -11.25 -11.36
C VAL A 235 5.72 -10.66 -12.72
N PHE A 236 5.61 -9.32 -12.76
CA PHE A 236 5.57 -8.54 -13.98
C PHE A 236 6.95 -7.98 -14.21
N LEU A 237 7.57 -8.29 -15.33
CA LEU A 237 8.95 -7.94 -15.64
C LEU A 237 9.00 -7.14 -16.96
N THR A 238 9.97 -6.22 -17.07
CA THR A 238 10.22 -5.46 -18.31
C THR A 238 11.64 -5.72 -18.75
N VAL A 239 11.83 -6.03 -20.04
CA VAL A 239 13.15 -6.40 -20.54
C VAL A 239 13.38 -5.67 -21.86
N LYS A 240 14.64 -5.48 -22.22
CA LYS A 240 15.00 -4.79 -23.45
C LYS A 240 14.69 -5.58 -24.72
N LYS A 241 14.96 -6.89 -24.65
CA LYS A 241 14.80 -7.78 -25.81
C LYS A 241 14.32 -9.10 -25.25
N TYR A 242 13.24 -9.61 -25.79
CA TYR A 242 12.75 -10.92 -25.36
C TYR A 242 13.55 -12.07 -25.97
N ASP A 243 13.64 -13.15 -25.22
CA ASP A 243 14.21 -14.40 -25.73
C ASP A 243 13.18 -15.48 -25.45
N GLU A 244 12.92 -16.33 -26.44
CA GLU A 244 12.03 -17.45 -26.25
C GLU A 244 12.38 -18.41 -25.10
N ILE A 245 13.65 -18.49 -24.74
CA ILE A 245 14.08 -19.27 -23.55
C ILE A 245 13.31 -18.89 -22.25
N LEU A 246 12.73 -17.68 -22.21
CA LEU A 246 12.03 -17.26 -20.98
C LEU A 246 10.72 -18.05 -20.69
N LYS A 247 10.29 -18.91 -21.62
CA LYS A 247 9.16 -19.78 -21.36
C LYS A 247 9.48 -20.74 -20.20
N ASN A 248 10.79 -20.93 -19.92
CA ASN A 248 11.29 -21.91 -18.92
C ASN A 248 11.55 -21.27 -17.55
N VAL A 249 11.20 -20.00 -17.41
CA VAL A 249 11.28 -19.34 -16.08
C VAL A 249 10.39 -19.98 -15.01
N PRO A 250 9.08 -20.14 -15.28
CA PRO A 250 8.18 -20.61 -14.21
C PRO A 250 8.59 -21.97 -13.65
N SER A 251 8.38 -22.14 -12.34
N SER A 251 8.37 -22.11 -12.34
CA SER A 251 8.69 -23.40 -11.69
CA SER A 251 8.58 -23.37 -11.61
C SER A 251 7.93 -24.61 -12.27
C SER A 251 7.95 -24.58 -12.29
N CYS A 252 6.76 -24.40 -12.91
CA CYS A 252 6.00 -25.55 -13.49
C CYS A 252 6.67 -26.18 -14.65
N THR A 253 7.76 -25.57 -15.12
CA THR A 253 8.51 -26.16 -16.24
C THR A 253 9.62 -27.10 -15.75
N SER A 254 9.75 -27.24 -14.42
CA SER A 254 10.74 -28.14 -13.81
C SER A 254 10.13 -29.53 -13.65
N ARG A 255 10.94 -30.55 -13.93
CA ARG A 255 10.57 -31.96 -13.70
C ARG A 255 10.13 -32.26 -12.25
N ASP A 256 10.60 -31.43 -11.31
CA ASP A 256 10.36 -31.66 -9.86
C ASP A 256 9.14 -30.95 -9.31
N TYR A 257 8.50 -30.13 -10.16
CA TYR A 257 7.30 -29.38 -9.78
C TYR A 257 6.07 -30.26 -9.51
N GLY A 258 5.24 -29.90 -8.55
CA GLY A 258 3.92 -30.51 -8.39
C GLY A 258 3.51 -30.74 -6.95
N LYS A 259 4.44 -31.12 -6.10
CA LYS A 259 4.25 -31.20 -4.62
C LYS A 259 4.85 -30.06 -3.76
N PRO A 260 4.28 -29.86 -2.58
CA PRO A 260 5.01 -28.94 -1.65
C PRO A 260 6.49 -29.27 -1.54
N PHE A 261 7.30 -28.21 -1.45
CA PHE A 261 8.72 -28.44 -1.48
C PHE A 261 9.19 -29.30 -0.27
N TYR A 262 8.55 -29.14 0.89
CA TYR A 262 8.87 -30.03 2.00
C TYR A 262 8.76 -31.52 1.56
N GLU A 263 7.73 -31.84 0.79
N GLU A 263 7.74 -31.85 0.79
CA GLU A 263 7.56 -33.24 0.33
CA GLU A 263 7.60 -33.25 0.36
C GLU A 263 8.62 -33.66 -0.70
C GLU A 263 8.65 -33.66 -0.69
N ILE A 264 8.96 -32.71 -1.57
CA ILE A 264 10.06 -32.89 -2.52
C ILE A 264 11.39 -33.16 -1.81
N PHE A 265 11.69 -32.36 -0.81
CA PHE A 265 12.94 -32.48 -0.03
C PHE A 265 13.02 -33.79 0.77
N LYS A 266 11.91 -34.16 1.43
CA LYS A 266 11.81 -35.47 2.13
C LYS A 266 12.01 -36.65 1.16
N ALA A 267 11.40 -36.57 -0.01
CA ALA A 267 11.50 -37.67 -1.01
C ALA A 267 12.95 -37.82 -1.51
N ALA A 268 13.62 -36.69 -1.68
CA ALA A 268 15.03 -36.63 -2.06
C ALA A 268 16.03 -37.25 -1.05
N ASN A 269 15.69 -37.37 0.25
CA ASN A 269 16.59 -38.04 1.23
C ASN A 269 16.95 -39.44 0.74
N TYR A 270 16.16 -39.95 -0.20
CA TYR A 270 16.39 -41.30 -0.67
C TYR A 270 17.01 -41.31 -2.04
N ASP A 271 17.49 -40.14 -2.45
CA ASP A 271 18.19 -40.03 -3.71
C ASP A 271 19.23 -38.94 -3.61
N PHE A 272 20.12 -39.04 -2.62
CA PHE A 272 21.27 -38.10 -2.50
C PHE A 272 20.91 -36.59 -2.53
N TYR A 273 19.75 -36.29 -1.93
CA TYR A 273 19.20 -34.93 -1.82
C TYR A 273 19.27 -34.11 -3.11
N LYS A 274 19.00 -34.78 -4.24
CA LYS A 274 18.93 -34.04 -5.51
C LYS A 274 17.64 -33.71 -6.23
N ILE A 275 17.59 -32.42 -6.49
CA ILE A 275 16.40 -31.72 -6.85
C ILE A 275 16.84 -30.75 -7.94
N ASP A 276 15.99 -30.59 -8.94
CA ASP A 276 16.24 -29.73 -10.09
C ASP A 276 16.41 -28.29 -9.61
N PRO A 277 17.60 -27.69 -9.83
CA PRO A 277 17.77 -26.29 -9.35
C PRO A 277 16.76 -25.32 -9.99
N ASN A 278 16.32 -25.64 -11.20
CA ASN A 278 15.34 -24.83 -11.95
C ASN A 278 13.95 -24.74 -11.29
N LEU A 279 13.70 -25.62 -10.32
CA LEU A 279 12.46 -25.64 -9.57
C LEU A 279 12.27 -24.33 -8.78
N PHE A 280 13.36 -23.76 -8.29
CA PHE A 280 13.32 -22.54 -7.48
C PHE A 280 13.13 -21.33 -8.41
N ALA A 281 11.90 -20.86 -8.49
CA ALA A 281 11.50 -19.98 -9.56
C ALA A 281 10.09 -19.54 -9.25
N PRO A 282 9.68 -18.45 -9.90
CA PRO A 282 8.33 -17.91 -9.63
C PRO A 282 7.22 -18.78 -10.26
N ALA A 283 6.02 -18.60 -9.73
CA ALA A 283 4.89 -19.37 -10.20
C ALA A 283 4.48 -18.86 -11.60
N GLN A 284 4.36 -17.57 -11.79
CA GLN A 284 3.76 -17.02 -13.03
C GLN A 284 4.46 -15.72 -13.33
N ILE A 285 4.78 -15.43 -14.59
CA ILE A 285 5.40 -14.15 -14.92
C ILE A 285 4.73 -13.57 -16.19
N ALA A 286 4.78 -12.25 -16.29
CA ALA A 286 4.45 -11.54 -17.52
C ALA A 286 5.69 -10.73 -17.88
N VAL A 287 6.15 -10.88 -19.13
CA VAL A 287 7.41 -10.26 -19.55
C VAL A 287 7.11 -9.24 -20.65
N ASN A 288 7.24 -7.94 -20.30
CA ASN A 288 6.98 -6.87 -21.25
C ASN A 288 8.27 -6.65 -22.04
N ASP A 289 8.24 -7.04 -23.32
CA ASP A 289 9.36 -6.86 -24.27
C ASP A 289 9.35 -5.45 -24.89
N LEU A 290 10.39 -4.66 -24.60
CA LEU A 290 10.49 -3.27 -25.14
C LEU A 290 10.76 -3.23 -26.62
N GLU A 291 11.48 -4.24 -27.10
CA GLU A 291 11.74 -4.36 -28.56
C GLU A 291 10.47 -4.52 -29.41
N THR A 292 9.67 -5.55 -29.15
CA THR A 292 8.46 -5.85 -29.95
C THR A 292 7.19 -5.16 -29.44
N GLY A 293 7.22 -4.74 -28.18
CA GLY A 293 6.06 -4.11 -27.55
C GLY A 293 5.03 -5.14 -27.09
N LYS A 294 5.41 -6.43 -27.09
CA LYS A 294 4.48 -7.55 -26.69
C LYS A 294 4.80 -7.93 -25.24
N THR A 295 3.83 -8.56 -24.57
CA THR A 295 4.01 -9.01 -23.17
C THR A 295 3.65 -10.48 -23.15
N TYR A 296 4.65 -11.31 -22.87
CA TYR A 296 4.51 -12.73 -22.88
C TYR A 296 4.26 -13.27 -21.48
N VAL A 297 3.20 -14.06 -21.35
CA VAL A 297 2.75 -14.63 -20.09
C VAL A 297 3.13 -16.11 -20.00
N HIS A 298 3.76 -16.50 -18.87
CA HIS A 298 4.20 -17.87 -18.67
C HIS A 298 3.92 -18.30 -17.27
N GLY A 299 3.55 -19.56 -17.09
CA GLY A 299 3.30 -20.13 -15.79
C GLY A 299 1.85 -20.12 -15.35
N LYS A 300 1.66 -20.39 -14.04
CA LYS A 300 0.34 -20.62 -13.47
C LYS A 300 0.39 -20.59 -11.96
N LEU A 301 -0.72 -20.21 -11.34
CA LEU A 301 -0.87 -20.27 -9.89
C LEU A 301 -1.37 -21.62 -9.46
N ASN A 302 -1.17 -22.00 -8.22
CA ASN A 302 -1.62 -23.27 -7.74
C ASN A 302 -2.06 -23.18 -6.27
N ALA A 303 -3.26 -22.65 -6.02
CA ALA A 303 -3.77 -22.52 -4.64
C ALA A 303 -3.93 -23.86 -3.98
N GLU A 304 -4.17 -24.94 -4.74
CA GLU A 304 -4.37 -26.22 -4.12
C GLU A 304 -3.11 -26.73 -3.45
N VAL A 305 -2.00 -26.70 -4.15
CA VAL A 305 -0.71 -27.07 -3.54
C VAL A 305 -0.34 -26.09 -2.40
N LEU A 306 -0.57 -24.79 -2.62
CA LEU A 306 -0.30 -23.78 -1.60
C LEU A 306 -0.98 -24.14 -0.26
N PHE A 307 -2.27 -24.42 -0.28
CA PHE A 307 -3.04 -24.76 0.91
C PHE A 307 -2.53 -26.04 1.57
N GLN A 308 -2.04 -27.02 0.78
CA GLN A 308 -1.39 -28.20 1.39
C GLN A 308 -0.12 -27.73 2.11
N SER A 309 0.70 -26.98 1.37
N SER A 309 0.69 -26.96 1.39
CA SER A 309 1.97 -26.38 1.88
CA SER A 309 1.97 -26.44 1.91
C SER A 309 1.74 -25.70 3.21
C SER A 309 1.81 -25.62 3.18
N TYR A 310 0.80 -24.77 3.19
CA TYR A 310 0.43 -23.95 4.34
C TYR A 310 -0.28 -24.68 5.47
N GLN A 311 -0.57 -25.97 5.33
CA GLN A 311 -1.21 -26.73 6.43
C GLN A 311 -2.54 -26.11 6.84
N ILE A 312 -3.28 -25.66 5.82
CA ILE A 312 -4.56 -25.02 6.01
C ILE A 312 -5.53 -26.09 6.49
N VAL A 313 -6.31 -25.77 7.53
CA VAL A 313 -7.43 -26.63 7.92
C VAL A 313 -8.75 -25.85 7.71
N LEU A 314 -9.58 -26.35 6.78
CA LEU A 314 -10.91 -25.77 6.54
C LEU A 314 -11.91 -26.55 7.37
N GLU A 315 -13.04 -25.90 7.65
CA GLU A 315 -14.17 -26.59 8.30
C GLU A 315 -14.84 -27.64 7.39
N MET B 1 -4.87 28.69 2.62
CA MET B 1 -5.00 28.36 1.17
C MET B 1 -4.04 27.22 0.78
N LEU B 2 -4.44 26.35 -0.17
CA LEU B 2 -3.54 25.28 -0.62
C LEU B 2 -2.93 25.68 -1.94
N SER B 3 -1.61 25.75 -1.99
CA SER B 3 -0.89 26.15 -3.20
C SER B 3 -0.34 24.93 -3.91
N VAL B 4 -1.03 24.47 -5.00
CA VAL B 4 -0.55 23.32 -5.76
C VAL B 4 0.89 23.47 -6.24
N ASN B 5 1.32 24.71 -6.55
CA ASN B 5 2.70 24.88 -7.01
C ASN B 5 3.70 24.69 -5.90
N GLU B 6 3.45 25.36 -4.76
CA GLU B 6 4.38 25.23 -3.62
C GLU B 6 4.46 23.80 -3.11
N ILE B 7 3.32 23.17 -2.99
CA ILE B 7 3.29 21.78 -2.48
C ILE B 7 4.05 20.85 -3.40
N ALA B 8 3.77 20.94 -4.71
CA ALA B 8 4.45 20.12 -5.73
C ALA B 8 5.94 20.39 -5.82
N ALA B 9 6.34 21.66 -5.67
CA ALA B 9 7.76 22.04 -5.72
C ALA B 9 8.58 21.24 -4.67
N GLU B 10 8.00 21.03 -3.46
CA GLU B 10 8.63 20.23 -2.40
C GLU B 10 8.87 18.79 -2.90
N ILE B 11 7.89 18.23 -3.63
CA ILE B 11 8.03 16.87 -4.23
C ILE B 11 9.18 16.88 -5.25
N VAL B 12 9.20 17.89 -6.13
CA VAL B 12 10.28 17.96 -7.15
C VAL B 12 11.67 18.04 -6.46
N GLU B 13 11.81 18.86 -5.41
CA GLU B 13 13.08 18.98 -4.66
C GLU B 13 13.51 17.60 -4.13
N ASP B 14 12.53 16.78 -3.73
N ASP B 14 12.54 16.78 -3.71
CA ASP B 14 12.78 15.42 -3.25
CA ASP B 14 12.82 15.41 -3.25
C ASP B 14 13.32 14.54 -4.40
C ASP B 14 13.35 14.56 -4.41
N MET B 15 12.67 14.63 -5.56
CA MET B 15 13.17 13.95 -6.78
C MET B 15 14.63 14.31 -7.01
N LEU B 16 14.99 15.60 -6.86
CA LEU B 16 16.35 16.07 -7.12
C LEU B 16 17.39 15.46 -6.18
N ASP B 17 16.96 15.02 -5.00
CA ASP B 17 17.85 14.41 -4.03
C ASP B 17 18.15 12.94 -4.32
N TYR B 18 17.37 12.33 -5.18
CA TYR B 18 17.43 10.87 -5.40
C TYR B 18 17.47 10.53 -6.91
N GLU B 19 18.16 11.36 -7.70
CA GLU B 19 18.13 11.22 -9.18
C GLU B 19 18.59 9.82 -9.68
N GLU B 20 19.72 9.36 -9.16
CA GLU B 20 20.30 8.10 -9.61
C GLU B 20 19.39 6.90 -9.23
N GLU B 21 18.92 6.90 -8.00
CA GLU B 21 18.00 5.89 -7.48
C GLU B 21 16.73 5.87 -8.37
N LEU B 22 16.22 7.05 -8.70
CA LEU B 22 14.98 7.17 -9.50
C LEU B 22 15.21 7.01 -11.01
N ARG B 23 16.48 6.99 -11.45
CA ARG B 23 16.85 6.86 -12.88
C ARG B 23 16.38 8.05 -13.70
N ILE B 24 16.48 9.24 -13.12
CA ILE B 24 16.10 10.46 -13.82
C ILE B 24 17.36 11.35 -13.89
N GLU B 25 17.30 12.43 -14.66
CA GLU B 25 18.36 13.44 -14.60
C GLU B 25 17.83 14.85 -14.83
N SER B 26 18.37 15.80 -14.08
CA SER B 26 17.93 17.19 -14.17
C SER B 26 19.07 18.05 -14.70
N LYS B 27 18.71 19.21 -15.20
CA LYS B 27 19.65 20.22 -15.61
C LYS B 27 19.08 21.57 -15.19
N LYS B 28 19.93 22.41 -14.59
CA LYS B 28 19.59 23.81 -14.37
C LYS B 28 20.05 24.66 -15.55
N LEU B 29 19.09 25.34 -16.16
CA LEU B 29 19.34 26.03 -17.40
C LEU B 29 19.99 27.36 -17.10
N GLU B 30 20.44 28.02 -18.17
CA GLU B 30 21.15 29.32 -18.04
C GLU B 30 20.33 30.36 -17.28
N ASN B 31 19.01 30.30 -17.46
CA ASN B 31 18.09 31.26 -16.86
C ASN B 31 17.59 30.79 -15.48
N GLY B 32 18.15 29.67 -15.00
CA GLY B 32 17.88 29.16 -13.68
C GLY B 32 16.79 28.08 -13.66
N ALA B 33 16.11 27.84 -14.80
CA ALA B 33 14.94 26.96 -14.82
C ALA B 33 15.48 25.58 -14.62
N ILE B 34 14.77 24.80 -13.82
CA ILE B 34 15.18 23.41 -13.59
C ILE B 34 14.33 22.47 -14.45
N VAL B 35 15.03 21.72 -15.27
CA VAL B 35 14.40 20.77 -16.14
C VAL B 35 14.76 19.29 -15.80
N VAL B 36 13.75 18.49 -15.47
CA VAL B 36 13.97 17.15 -14.92
C VAL B 36 13.51 16.11 -15.93
N ASP B 37 14.48 15.44 -16.56
CA ASP B 37 14.19 14.39 -17.51
C ASP B 37 13.80 13.13 -16.76
N CYS B 38 12.54 12.71 -16.97
CA CYS B 38 11.98 11.52 -16.31
C CYS B 38 11.78 10.34 -17.26
N GLY B 39 12.24 10.43 -18.51
CA GLY B 39 12.08 9.33 -19.45
C GLY B 39 12.39 9.51 -20.93
N VAL B 40 12.98 10.64 -21.30
CA VAL B 40 13.31 10.95 -22.71
C VAL B 40 14.62 10.25 -23.04
N ASN B 41 15.67 10.60 -22.28
CA ASN B 41 17.01 10.05 -22.46
C ASN B 41 17.48 9.24 -21.25
N VAL B 42 16.56 9.00 -20.34
CA VAL B 42 16.82 8.20 -19.15
C VAL B 42 15.69 7.17 -19.01
N PRO B 43 15.92 6.09 -18.24
CA PRO B 43 14.85 5.08 -18.10
C PRO B 43 13.65 5.53 -17.23
N GLY B 44 13.86 6.44 -16.28
CA GLY B 44 12.89 6.69 -15.20
C GLY B 44 12.65 5.40 -14.38
N SER B 45 11.56 5.39 -13.60
CA SER B 45 11.34 4.29 -12.66
C SER B 45 9.90 4.32 -12.17
N TYR B 46 9.47 3.21 -11.54
CA TYR B 46 8.15 3.16 -10.98
C TYR B 46 7.99 4.36 -9.97
N ASP B 47 8.99 4.57 -9.11
CA ASP B 47 8.88 5.64 -8.11
C ASP B 47 8.91 7.05 -8.72
N ALA B 48 9.76 7.26 -9.73
CA ALA B 48 9.68 8.54 -10.48
C ALA B 48 8.25 8.72 -11.07
N GLY B 49 7.63 7.64 -11.54
CA GLY B 49 6.25 7.65 -12.05
C GLY B 49 5.26 8.12 -11.00
N ILE B 50 5.37 7.53 -9.80
CA ILE B 50 4.52 7.95 -8.65
C ILE B 50 4.70 9.45 -8.37
N MET B 51 5.97 9.88 -8.18
CA MET B 51 6.26 11.30 -7.88
C MET B 51 5.73 12.22 -9.03
N TYR B 52 5.94 11.81 -10.28
CA TYR B 52 5.40 12.58 -11.41
C TYR B 52 3.87 12.72 -11.29
N THR B 53 3.20 11.63 -10.98
CA THR B 53 1.77 11.67 -10.73
C THR B 53 1.39 12.57 -9.54
N GLN B 54 2.12 12.46 -8.40
CA GLN B 54 1.80 13.27 -7.22
C GLN B 54 1.91 14.73 -7.57
N VAL B 55 2.95 15.06 -8.33
CA VAL B 55 3.20 16.46 -8.77
C VAL B 55 2.04 16.96 -9.67
N CYS B 56 1.63 16.12 -10.64
CA CYS B 56 0.50 16.46 -11.52
C CYS B 56 -0.74 16.80 -10.67
N MET B 57 -0.93 16.04 -9.57
CA MET B 57 -2.09 16.21 -8.68
C MET B 57 -1.82 17.27 -7.57
N GLY B 58 -0.84 18.11 -7.86
CA GLY B 58 -0.51 19.22 -6.95
C GLY B 58 -0.19 18.86 -5.50
N GLY B 59 0.35 17.67 -5.29
CA GLY B 59 0.59 17.10 -3.98
C GLY B 59 -0.63 16.94 -3.08
N LEU B 60 -1.83 16.98 -3.67
CA LEU B 60 -3.09 16.86 -2.95
C LEU B 60 -3.77 15.44 -3.12
N ALA B 61 -2.96 14.42 -3.45
CA ALA B 61 -3.46 13.05 -3.50
C ALA B 61 -2.47 12.08 -2.91
N ASP B 62 -2.98 10.89 -2.58
CA ASP B 62 -2.14 9.72 -2.31
C ASP B 62 -2.07 8.91 -3.58
N VAL B 63 -0.84 8.52 -3.91
CA VAL B 63 -0.56 7.66 -5.04
C VAL B 63 0.38 6.52 -4.66
N ASP B 64 -0.03 5.25 -4.92
CA ASP B 64 0.82 4.12 -4.58
C ASP B 64 0.73 3.10 -5.66
N ILE B 65 1.68 2.19 -5.72
CA ILE B 65 1.59 1.04 -6.67
C ILE B 65 1.47 -0.28 -5.91
N VAL B 66 0.56 -1.15 -6.39
N VAL B 66 0.50 -1.11 -6.31
CA VAL B 66 0.22 -2.47 -5.78
CA VAL B 66 0.46 -2.47 -5.80
C VAL B 66 0.16 -3.51 -6.88
C VAL B 66 0.49 -3.38 -7.00
N VAL B 67 0.92 -4.58 -6.72
CA VAL B 67 0.94 -5.63 -7.73
C VAL B 67 -0.27 -6.53 -7.50
N ASP B 68 -0.98 -6.87 -8.59
CA ASP B 68 -2.18 -7.71 -8.48
C ASP B 68 -2.42 -8.37 -9.86
N THR B 69 -3.52 -9.10 -10.00
CA THR B 69 -3.72 -9.93 -11.25
C THR B 69 -4.98 -9.49 -11.87
N ILE B 70 -5.03 -9.73 -13.21
CA ILE B 70 -6.21 -9.65 -14.11
C ILE B 70 -6.24 -11.01 -14.82
N ASN B 71 -7.31 -11.78 -14.62
CA ASN B 71 -7.38 -13.13 -15.17
C ASN B 71 -6.07 -13.93 -14.94
N ASP B 72 -5.57 -13.84 -13.71
CA ASP B 72 -4.32 -14.43 -13.26
C ASP B 72 -3.01 -13.76 -13.75
N VAL B 73 -3.10 -12.82 -14.67
CA VAL B 73 -1.87 -12.32 -15.25
C VAL B 73 -1.47 -11.17 -14.34
N PRO B 74 -0.19 -11.13 -13.90
CA PRO B 74 0.19 -10.05 -12.95
C PRO B 74 0.48 -8.71 -13.68
N PHE B 75 0.07 -7.61 -13.04
CA PHE B 75 0.34 -6.22 -13.48
C PHE B 75 0.60 -5.43 -12.23
N ALA B 76 1.40 -4.37 -12.39
CA ALA B 76 1.44 -3.29 -11.44
C ALA B 76 0.15 -2.45 -11.62
N PHE B 77 -0.41 -1.97 -10.51
CA PHE B 77 -1.57 -1.09 -10.51
C PHE B 77 -1.28 0.20 -9.76
N VAL B 78 -1.83 1.32 -10.24
CA VAL B 78 -1.99 2.50 -9.42
C VAL B 78 -3.22 2.34 -8.52
N THR B 79 -2.99 2.61 -7.21
CA THR B 79 -4.10 2.88 -6.32
C THR B 79 -3.90 4.32 -5.80
N GLU B 80 -4.97 5.12 -5.84
CA GLU B 80 -4.92 6.53 -5.53
C GLU B 80 -6.22 7.07 -4.97
N TYR B 81 -6.08 8.16 -4.18
CA TYR B 81 -7.26 8.88 -3.70
C TYR B 81 -6.94 10.35 -3.41
N THR B 82 -7.99 11.14 -3.34
CA THR B 82 -7.82 12.57 -3.01
C THR B 82 -9.13 13.11 -2.41
N ASP B 83 -8.97 14.02 -1.46
CA ASP B 83 -10.09 14.77 -0.91
C ASP B 83 -10.14 16.22 -1.41
N HIS B 84 -9.37 16.49 -2.49
CA HIS B 84 -9.44 17.72 -3.25
C HIS B 84 -9.56 17.43 -4.75
N PRO B 85 -10.61 16.71 -5.15
CA PRO B 85 -10.61 16.27 -6.57
C PRO B 85 -10.70 17.40 -7.62
N ALA B 86 -11.52 18.42 -7.36
CA ALA B 86 -11.64 19.55 -8.29
C ALA B 86 -10.27 20.19 -8.55
N ILE B 87 -9.60 20.58 -7.44
CA ILE B 87 -8.29 21.27 -7.50
C ILE B 87 -7.20 20.30 -8.04
N ALA B 88 -7.11 19.12 -7.44
CA ALA B 88 -6.06 18.16 -7.81
C ALA B 88 -6.20 17.69 -9.23
N CYS B 89 -7.44 17.47 -9.66
CA CYS B 89 -7.64 16.81 -10.96
C CYS B 89 -7.89 17.77 -12.08
N LEU B 90 -8.82 18.70 -11.87
CA LEU B 90 -9.16 19.68 -12.92
C LEU B 90 -8.23 20.90 -12.93
N GLY B 91 -7.95 21.42 -11.74
CA GLY B 91 -7.09 22.58 -11.59
C GLY B 91 -5.62 22.28 -11.75
N SER B 92 -5.23 20.99 -11.81
CA SER B 92 -3.83 20.66 -11.87
C SER B 92 -3.56 19.52 -12.83
N GLN B 93 -4.01 18.33 -12.46
CA GLN B 93 -3.53 17.14 -13.18
C GLN B 93 -3.89 17.11 -14.69
N LYS B 94 -5.14 17.44 -15.06
CA LYS B 94 -5.61 17.38 -16.44
C LYS B 94 -4.62 18.01 -17.43
N ALA B 95 -4.38 17.34 -18.59
CA ALA B 95 -3.43 17.86 -19.60
C ALA B 95 -4.12 18.97 -20.45
N GLY B 96 -4.45 20.09 -19.81
CA GLY B 96 -5.28 21.15 -20.39
C GLY B 96 -4.54 22.35 -20.97
N TRP B 97 -3.20 22.35 -20.92
CA TRP B 97 -2.41 23.44 -21.46
C TRP B 97 -1.61 23.02 -22.63
N GLN B 98 -2.11 23.34 -23.82
CA GLN B 98 -1.38 23.11 -25.07
C GLN B 98 -0.17 24.07 -25.21
N ILE B 99 1.04 23.53 -25.14
CA ILE B 99 2.24 24.35 -25.21
C ILE B 99 2.79 24.24 -26.63
N LYS B 100 2.72 25.33 -27.38
CA LYS B 100 3.36 25.38 -28.71
C LYS B 100 4.21 26.65 -28.84
N VAL B 101 5.52 26.46 -28.67
CA VAL B 101 6.54 27.50 -28.81
C VAL B 101 7.33 27.14 -30.09
N ASP B 102 6.98 27.83 -31.16
CA ASP B 102 7.12 27.41 -32.58
C ASP B 102 7.53 25.97 -32.91
N LYS B 103 8.78 25.58 -32.73
CA LYS B 103 9.14 24.17 -32.98
C LYS B 103 8.76 23.15 -31.87
N TYR B 104 8.75 23.60 -30.61
CA TYR B 104 8.47 22.74 -29.46
C TYR B 104 6.98 22.76 -29.13
N PHE B 105 6.29 21.63 -29.19
CA PHE B 105 4.85 21.57 -28.87
C PHE B 105 4.57 20.43 -27.89
N ALA B 106 4.11 20.70 -26.68
CA ALA B 106 3.73 19.61 -25.78
C ALA B 106 2.37 19.89 -25.12
N MET B 107 1.66 18.86 -24.67
CA MET B 107 0.53 19.11 -23.76
C MET B 107 1.06 19.21 -22.34
N GLY B 108 0.70 20.29 -21.66
CA GLY B 108 1.15 20.51 -20.32
C GLY B 108 0.09 20.18 -19.29
N SER B 109 0.56 19.52 -18.22
CA SER B 109 -0.25 19.11 -17.06
C SER B 109 0.37 19.73 -15.81
N GLY B 110 -0.42 19.76 -14.74
CA GLY B 110 0.12 20.04 -13.41
C GLY B 110 -0.01 21.48 -12.92
N PRO B 111 0.62 21.76 -11.77
CA PRO B 111 0.23 22.96 -11.02
C PRO B 111 0.42 24.29 -11.75
N ALA B 112 1.36 24.36 -12.70
CA ALA B 112 1.60 25.57 -13.47
C ALA B 112 0.31 26.07 -14.16
N ARG B 113 -0.59 25.14 -14.48
CA ARG B 113 -1.86 25.44 -15.18
C ARG B 113 -2.71 26.36 -14.31
N ALA B 114 -2.51 26.28 -12.97
CA ALA B 114 -3.30 27.07 -12.01
C ALA B 114 -2.75 28.48 -11.79
N LEU B 115 -1.57 28.77 -12.37
CA LEU B 115 -0.99 30.14 -12.41
C LEU B 115 -1.31 30.76 -13.76
N ALA B 116 -1.09 29.97 -14.81
CA ALA B 116 -1.34 30.43 -16.20
C ALA B 116 -2.83 30.49 -16.56
N LEU B 117 -3.65 29.79 -15.75
CA LEU B 117 -5.10 29.68 -15.92
C LEU B 117 -5.41 29.12 -17.29
N LYS B 118 -4.93 27.89 -17.51
CA LYS B 118 -5.10 27.19 -18.78
C LYS B 118 -5.88 25.88 -18.61
N PRO B 119 -7.13 25.83 -19.12
CA PRO B 119 -7.83 26.91 -19.83
C PRO B 119 -8.60 27.76 -18.86
N LYS B 120 -8.97 28.94 -19.32
CA LYS B 120 -9.62 29.95 -18.50
C LYS B 120 -10.87 29.42 -17.74
N LYS B 121 -11.75 28.75 -18.48
CA LYS B 121 -13.08 28.38 -17.98
C LYS B 121 -13.03 27.35 -16.83
N THR B 122 -12.03 26.47 -16.85
CA THR B 122 -11.81 25.51 -15.72
C THR B 122 -11.72 26.17 -14.33
N TYR B 123 -10.93 27.25 -14.25
CA TYR B 123 -10.62 27.91 -12.95
C TYR B 123 -11.85 28.70 -12.46
N GLU B 124 -12.66 29.20 -13.40
CA GLU B 124 -13.92 29.82 -13.00
C GLU B 124 -14.91 28.77 -12.49
N ARG B 125 -14.91 27.60 -13.13
CA ARG B 125 -15.82 26.52 -12.77
C ARG B 125 -15.48 25.91 -11.39
N ILE B 126 -14.19 25.71 -11.10
CA ILE B 126 -13.79 25.14 -9.79
C ILE B 126 -13.48 26.21 -8.70
N GLU B 127 -13.53 27.47 -9.10
CA GLU B 127 -13.24 28.60 -8.20
C GLU B 127 -11.91 28.43 -7.49
N TYR B 128 -10.84 28.21 -8.27
CA TYR B 128 -9.49 28.10 -7.72
C TYR B 128 -8.51 28.89 -8.59
N GLU B 129 -7.56 29.54 -7.93
CA GLU B 129 -6.39 30.14 -8.59
C GLU B 129 -5.24 30.06 -7.59
N ASP B 130 -4.06 29.68 -8.08
CA ASP B 130 -2.91 29.62 -7.21
C ASP B 130 -2.21 30.97 -7.21
N ASP B 131 -1.52 31.28 -6.10
CA ASP B 131 -0.69 32.46 -5.92
C ASP B 131 0.59 31.87 -5.39
N ALA B 132 1.62 31.91 -6.19
CA ALA B 132 2.91 31.35 -5.79
C ALA B 132 3.96 32.03 -6.66
N ASP B 133 5.18 32.08 -6.13
CA ASP B 133 6.36 32.58 -6.87
C ASP B 133 7.15 31.44 -7.54
N VAL B 134 6.58 30.23 -7.53
CA VAL B 134 7.22 29.05 -8.13
C VAL B 134 6.19 28.34 -9.03
N ALA B 135 6.64 27.78 -10.15
CA ALA B 135 5.76 27.06 -11.09
C ALA B 135 6.30 25.69 -11.39
N VAL B 136 5.42 24.69 -11.29
CA VAL B 136 5.79 23.29 -11.62
C VAL B 136 4.90 22.75 -12.77
N ILE B 137 5.53 22.39 -13.87
CA ILE B 137 4.80 21.87 -15.03
C ILE B 137 5.29 20.45 -15.37
N ALA B 138 4.36 19.62 -15.83
CA ALA B 138 4.67 18.25 -16.25
C ALA B 138 4.36 18.14 -17.77
N LEU B 139 5.36 17.75 -18.54
CA LEU B 139 5.19 17.71 -19.99
C LEU B 139 5.25 16.28 -20.48
N GLU B 140 4.26 15.91 -21.28
CA GLU B 140 4.27 14.62 -21.96
C GLU B 140 4.83 14.82 -23.36
N ALA B 141 6.11 14.49 -23.57
CA ALA B 141 6.78 14.80 -24.81
C ALA B 141 8.01 13.95 -24.98
N ASN B 142 8.49 13.87 -26.21
CA ASN B 142 9.73 13.17 -26.47
C ASN B 142 10.97 14.07 -26.64
N GLN B 143 10.88 15.32 -26.16
CA GLN B 143 12.02 16.21 -26.17
C GLN B 143 12.00 17.14 -24.95
N LEU B 144 13.19 17.48 -24.48
CA LEU B 144 13.36 18.29 -23.34
C LEU B 144 13.26 19.75 -23.79
N PRO B 145 12.56 20.57 -23.01
CA PRO B 145 12.42 21.97 -23.40
C PRO B 145 13.62 22.83 -23.04
N ASP B 146 13.91 23.84 -23.88
CA ASP B 146 15.07 24.71 -23.69
C ASP B 146 14.74 26.01 -22.96
N GLU B 147 15.74 26.88 -22.84
CA GLU B 147 15.58 28.14 -22.11
C GLU B 147 14.38 28.94 -22.59
N LYS B 148 14.16 28.92 -23.92
CA LYS B 148 13.13 29.72 -24.58
C LYS B 148 11.74 29.19 -24.22
N VAL B 149 11.59 27.86 -24.25
CA VAL B 149 10.32 27.22 -23.85
C VAL B 149 10.00 27.51 -22.39
N MET B 150 11.00 27.38 -21.51
N MET B 150 11.00 27.36 -21.51
CA MET B 150 10.83 27.63 -20.07
CA MET B 150 10.81 27.63 -20.08
C MET B 150 10.59 29.11 -19.76
C MET B 150 10.46 29.11 -19.87
N GLU B 151 11.14 30.00 -20.59
CA GLU B 151 10.90 31.44 -20.47
C GLU B 151 9.43 31.71 -20.84
N PHE B 152 8.93 31.07 -21.90
CA PHE B 152 7.50 31.18 -22.28
C PHE B 152 6.56 30.71 -21.15
N ILE B 153 6.86 29.52 -20.61
CA ILE B 153 6.05 28.97 -19.52
C ILE B 153 6.08 29.89 -18.27
N ALA B 154 7.29 30.32 -17.87
CA ALA B 154 7.51 31.26 -16.77
C ALA B 154 6.65 32.50 -16.97
N LYS B 155 6.73 33.10 -18.16
CA LYS B 155 6.01 34.36 -18.45
C LYS B 155 4.51 34.17 -18.33
N GLU B 156 4.01 33.07 -18.89
CA GLU B 156 2.57 32.75 -18.85
C GLU B 156 2.09 32.59 -17.40
N CYS B 157 3.01 32.17 -16.54
CA CYS B 157 2.67 31.92 -15.13
C CYS B 157 2.98 33.14 -14.23
N ASP B 158 3.56 34.20 -14.82
CA ASP B 158 4.03 35.37 -14.05
C ASP B 158 5.04 35.03 -12.96
N VAL B 159 5.99 34.17 -13.33
N VAL B 159 5.95 34.12 -13.26
CA VAL B 159 7.02 33.63 -12.46
CA VAL B 159 7.06 33.87 -12.35
C VAL B 159 8.39 33.84 -13.15
C VAL B 159 8.35 34.07 -13.13
N ASP B 160 9.45 34.18 -12.40
CA ASP B 160 10.78 34.31 -12.98
C ASP B 160 11.21 32.92 -13.41
N PRO B 161 11.90 32.80 -14.57
CA PRO B 161 12.31 31.48 -15.09
C PRO B 161 13.19 30.69 -14.11
N GLU B 162 13.93 31.38 -13.24
CA GLU B 162 14.76 30.72 -12.21
C GLU B 162 13.90 29.99 -11.16
N ASN B 163 12.58 30.25 -11.17
CA ASN B 163 11.61 29.62 -10.24
C ASN B 163 10.64 28.67 -10.96
N VAL B 164 11.06 28.18 -12.12
CA VAL B 164 10.23 27.21 -12.87
C VAL B 164 10.87 25.81 -12.89
N TYR B 165 10.09 24.80 -12.51
CA TYR B 165 10.45 23.37 -12.74
C TYR B 165 9.61 22.72 -13.82
N ALA B 166 10.24 21.89 -14.65
CA ALA B 166 9.51 21.04 -15.58
C ALA B 166 9.92 19.56 -15.41
N LEU B 167 8.92 18.68 -15.25
CA LEU B 167 9.13 17.22 -15.34
C LEU B 167 8.74 16.78 -16.75
N VAL B 168 9.55 15.95 -17.40
CA VAL B 168 9.26 15.56 -18.78
C VAL B 168 9.41 14.04 -18.94
N ALA B 169 8.41 13.42 -19.57
CA ALA B 169 8.51 12.00 -19.93
C ALA B 169 7.65 11.74 -21.16
N PRO B 170 8.11 10.86 -22.08
CA PRO B 170 7.28 10.49 -23.24
C PRO B 170 6.19 9.49 -22.89
N THR B 171 5.26 9.28 -23.83
CA THR B 171 4.10 8.43 -23.60
C THR B 171 4.56 7.01 -23.38
N ALA B 172 5.43 6.52 -24.28
CA ALA B 172 6.03 5.19 -24.15
C ALA B 172 7.27 5.25 -23.24
N SER B 173 7.05 5.13 -21.94
CA SER B 173 8.10 5.08 -20.92
C SER B 173 7.40 4.60 -19.65
N ILE B 174 8.17 4.14 -18.67
CA ILE B 174 7.54 3.68 -17.45
C ILE B 174 6.84 4.85 -16.73
N VAL B 175 7.48 6.01 -16.72
CA VAL B 175 6.86 7.18 -16.11
C VAL B 175 5.51 7.53 -16.84
N GLY B 176 5.53 7.45 -18.18
CA GLY B 176 4.33 7.63 -19.03
C GLY B 176 3.23 6.66 -18.65
N SER B 177 3.52 5.36 -18.64
CA SER B 177 2.52 4.38 -18.19
C SER B 177 1.94 4.65 -16.79
N VAL B 178 2.83 4.89 -15.82
CA VAL B 178 2.37 5.12 -14.43
C VAL B 178 1.55 6.39 -14.36
N GLN B 179 2.00 7.47 -15.03
CA GLN B 179 1.38 8.77 -14.76
C GLN B 179 0.02 8.84 -15.43
N ILE B 180 -0.13 8.11 -16.54
CA ILE B 180 -1.38 8.10 -17.29
C ILE B 180 -2.46 7.20 -16.59
N SER B 181 -2.06 6.02 -16.11
CA SER B 181 -2.95 5.23 -15.21
C SER B 181 -3.29 5.96 -13.93
N GLY B 182 -2.34 6.79 -13.54
CA GLY B 182 -2.54 7.71 -12.46
C GLY B 182 -3.57 8.80 -12.59
N ARG B 183 -4.14 8.95 -13.78
CA ARG B 183 -5.23 9.89 -14.05
C ARG B 183 -6.60 9.23 -13.87
N ILE B 184 -6.64 8.03 -13.28
CA ILE B 184 -7.91 7.31 -13.18
C ILE B 184 -9.00 8.18 -12.48
N VAL B 185 -8.65 8.81 -11.35
CA VAL B 185 -9.60 9.73 -10.60
C VAL B 185 -9.98 10.90 -11.54
N GLN B 186 -8.93 11.55 -12.05
CA GLN B 186 -9.06 12.68 -13.00
C GLN B 186 -10.04 12.39 -14.19
N THR B 187 -9.93 11.22 -14.82
N THR B 187 -9.95 11.19 -14.81
CA THR B 187 -10.78 10.95 -15.95
CA THR B 187 -10.80 10.85 -15.98
C THR B 187 -12.25 10.99 -15.53
C THR B 187 -12.28 10.77 -15.63
N ALA B 188 -12.56 10.40 -14.38
CA ALA B 188 -13.92 10.46 -13.85
C ALA B 188 -14.34 11.91 -13.60
N ILE B 189 -13.50 12.73 -12.98
CA ILE B 189 -13.88 14.10 -12.60
C ILE B 189 -14.08 14.89 -13.89
N PHE B 190 -13.14 14.74 -14.81
CA PHE B 190 -13.19 15.47 -16.06
C PHE B 190 -14.47 15.12 -16.87
N LYS B 191 -14.77 13.83 -16.99
CA LYS B 191 -15.96 13.39 -17.69
C LYS B 191 -17.27 13.89 -17.03
N MET B 192 -17.30 13.83 -15.71
CA MET B 192 -18.40 14.40 -14.93
C MET B 192 -18.64 15.87 -15.30
N ASN B 193 -17.58 16.67 -15.26
CA ASN B 193 -17.73 18.08 -15.63
C ASN B 193 -18.19 18.25 -17.11
N GLU B 194 -17.57 17.48 -18.00
CA GLU B 194 -17.93 17.49 -19.48
C GLU B 194 -19.42 17.26 -19.81
N ILE B 195 -20.05 16.36 -19.06
CA ILE B 195 -21.49 16.13 -19.22
C ILE B 195 -22.40 17.06 -18.39
N GLY B 196 -21.79 18.04 -17.69
CA GLY B 196 -22.51 19.17 -17.08
C GLY B 196 -22.66 19.14 -15.58
N TYR B 197 -22.07 18.15 -14.93
CA TYR B 197 -22.16 18.01 -13.47
C TYR B 197 -21.14 18.93 -12.78
N ASP B 198 -21.63 19.70 -11.84
CA ASP B 198 -20.79 20.70 -11.17
C ASP B 198 -19.68 20.00 -10.38
N PRO B 199 -18.38 20.17 -10.78
CA PRO B 199 -17.32 19.48 -10.04
C PRO B 199 -17.15 19.98 -8.60
N LYS B 200 -17.74 21.13 -8.27
CA LYS B 200 -17.67 21.64 -6.89
C LYS B 200 -18.55 20.80 -5.97
N LEU B 201 -19.39 19.93 -6.53
CA LEU B 201 -20.23 19.03 -5.71
C LEU B 201 -19.49 17.73 -5.32
N ILE B 202 -18.32 17.51 -5.91
CA ILE B 202 -17.59 16.29 -5.70
C ILE B 202 -16.75 16.42 -4.43
N VAL B 203 -16.89 15.46 -3.54
CA VAL B 203 -16.23 15.59 -2.22
C VAL B 203 -14.86 14.91 -2.24
N SER B 204 -14.82 13.71 -2.78
CA SER B 204 -13.56 12.96 -2.86
C SER B 204 -13.63 11.88 -3.92
N GLY B 205 -12.50 11.29 -4.24
CA GLY B 205 -12.54 10.13 -5.16
C GLY B 205 -11.35 9.21 -4.93
N ALA B 206 -11.56 7.93 -5.21
CA ALA B 206 -10.55 6.87 -5.00
C ALA B 206 -10.57 6.01 -6.25
N GLY B 207 -9.41 5.64 -6.74
CA GLY B 207 -9.36 4.89 -8.01
C GLY B 207 -8.26 3.86 -8.07
N ARG B 208 -8.47 2.86 -8.94
CA ARG B 208 -7.56 1.75 -9.19
C ARG B 208 -7.42 1.59 -10.72
N CYS B 209 -6.20 1.39 -11.20
CA CYS B 209 -6.03 1.24 -12.65
C CYS B 209 -4.74 0.53 -12.96
N PRO B 210 -4.80 -0.52 -13.88
CA PRO B 210 -3.53 -1.20 -14.15
C PRO B 210 -2.58 -0.32 -14.92
N ILE B 211 -1.29 -0.56 -14.75
CA ILE B 211 -0.25 0.27 -15.39
C ILE B 211 0.09 -0.44 -16.72
N SER B 212 -0.10 0.24 -17.85
CA SER B 212 0.12 -0.41 -19.17
C SER B 212 1.59 -0.84 -19.33
N PRO B 213 1.85 -2.06 -19.89
CA PRO B 213 3.18 -2.37 -20.38
C PRO B 213 3.56 -1.27 -21.36
N ILE B 214 4.86 -1.16 -21.60
CA ILE B 214 5.38 -0.19 -22.54
C ILE B 214 5.36 -0.80 -23.94
N LEU B 215 4.56 -0.20 -24.82
CA LEU B 215 4.49 -0.65 -26.20
C LEU B 215 5.59 0.01 -27.02
N GLU B 216 5.66 -0.31 -28.31
CA GLU B 216 6.87 -0.12 -29.13
C GLU B 216 7.08 1.29 -29.69
N ASN B 217 6.04 2.11 -29.62
CA ASN B 217 6.19 3.55 -29.91
C ASN B 217 5.21 4.38 -29.09
N ASP B 218 5.36 5.71 -29.19
CA ASP B 218 4.53 6.65 -28.44
C ASP B 218 3.05 6.56 -28.87
N LEU B 219 2.81 6.28 -30.16
CA LEU B 219 1.46 6.21 -30.73
C LEU B 219 0.70 4.98 -30.21
N LYS B 220 1.36 3.80 -30.22
CA LYS B 220 0.75 2.61 -29.64
C LYS B 220 0.53 2.79 -28.13
N ALA B 221 1.52 3.40 -27.45
CA ALA B 221 1.41 3.68 -26.00
C ALA B 221 0.28 4.66 -25.66
N MET B 222 0.02 5.59 -26.55
N MET B 222 0.00 5.60 -26.56
CA MET B 222 -1.12 6.48 -26.40
CA MET B 222 -1.14 6.50 -26.40
C MET B 222 -2.39 5.66 -26.26
C MET B 222 -2.41 5.66 -26.26
N GLY B 223 -2.51 4.62 -27.08
CA GLY B 223 -3.69 3.74 -27.06
C GLY B 223 -3.80 2.93 -25.79
N SER B 224 -2.76 2.18 -25.49
CA SER B 224 -2.81 1.21 -24.38
C SER B 224 -2.90 1.93 -23.00
N THR B 225 -2.29 3.11 -22.86
CA THR B 225 -2.33 3.81 -21.56
C THR B 225 -3.75 4.34 -21.32
N ASN B 226 -4.31 4.99 -22.34
CA ASN B 226 -5.71 5.37 -22.34
C ASN B 226 -6.67 4.19 -22.12
N ASP B 227 -6.43 3.06 -22.81
CA ASP B 227 -7.27 1.88 -22.63
C ASP B 227 -7.26 1.39 -21.18
N SER B 228 -6.13 1.51 -20.50
CA SER B 228 -6.07 1.12 -19.09
C SER B 228 -7.27 1.72 -18.31
N MET B 229 -7.54 3.01 -18.51
CA MET B 229 -8.59 3.67 -17.76
C MET B 229 -9.97 3.35 -18.41
N MET B 230 -10.04 3.34 -19.74
CA MET B 230 -11.35 3.17 -20.41
C MET B 230 -11.94 1.76 -20.29
N TYR B 231 -11.08 0.75 -20.23
CA TYR B 231 -11.48 -0.65 -20.22
C TYR B 231 -11.21 -1.34 -18.87
N TYR B 232 -10.36 -0.75 -18.02
CA TYR B 232 -10.08 -1.46 -16.77
C TYR B 232 -9.86 -0.52 -15.58
N GLY B 233 -10.37 0.73 -15.65
CA GLY B 233 -10.15 1.63 -14.49
C GLY B 233 -11.41 1.79 -13.67
N SER B 234 -11.25 1.76 -12.33
CA SER B 234 -12.43 1.77 -11.44
C SER B 234 -12.34 2.93 -10.45
N VAL B 235 -13.47 3.63 -10.24
CA VAL B 235 -13.40 4.82 -9.37
C VAL B 235 -14.56 4.78 -8.40
N PHE B 236 -14.24 4.96 -7.12
CA PHE B 236 -15.27 5.21 -6.09
C PHE B 236 -15.23 6.71 -5.76
N LEU B 237 -16.40 7.36 -5.86
CA LEU B 237 -16.57 8.80 -5.79
C LEU B 237 -17.60 9.12 -4.75
N THR B 238 -17.44 10.28 -4.09
CA THR B 238 -18.42 10.77 -3.14
C THR B 238 -18.86 12.16 -3.56
N VAL B 239 -20.19 12.39 -3.62
CA VAL B 239 -20.73 13.64 -4.12
C VAL B 239 -21.77 14.17 -3.14
N LYS B 240 -21.99 15.49 -3.18
CA LYS B 240 -22.98 16.12 -2.28
C LYS B 240 -24.41 15.81 -2.67
N LYS B 241 -24.66 15.69 -3.98
CA LYS B 241 -26.00 15.55 -4.47
C LYS B 241 -25.89 14.76 -5.77
N TYR B 242 -26.67 13.72 -5.95
CA TYR B 242 -26.47 12.89 -7.11
C TYR B 242 -27.33 13.45 -8.30
N ASP B 243 -26.95 13.16 -9.51
CA ASP B 243 -27.73 13.54 -10.71
C ASP B 243 -27.75 12.33 -11.60
N GLU B 244 -28.96 12.00 -12.09
CA GLU B 244 -29.22 10.86 -12.98
C GLU B 244 -28.27 10.86 -14.20
N ILE B 245 -27.78 12.05 -14.59
CA ILE B 245 -26.92 12.16 -15.79
C ILE B 245 -25.59 11.40 -15.60
N LEU B 246 -25.25 11.12 -14.34
CA LEU B 246 -23.99 10.47 -13.98
C LEU B 246 -23.92 9.05 -14.52
N LYS B 247 -25.08 8.55 -14.96
CA LYS B 247 -25.14 7.27 -15.65
C LYS B 247 -24.27 7.28 -16.93
N ASN B 248 -24.06 8.45 -17.54
CA ASN B 248 -23.24 8.59 -18.79
C ASN B 248 -21.74 8.84 -18.55
N VAL B 249 -21.30 8.72 -17.31
CA VAL B 249 -19.86 8.82 -17.03
C VAL B 249 -19.06 7.67 -17.72
N PRO B 250 -19.46 6.39 -17.54
CA PRO B 250 -18.59 5.32 -18.07
C PRO B 250 -18.34 5.35 -19.59
N SER B 251 -17.16 4.92 -19.98
N SER B 251 -17.15 4.90 -19.99
CA SER B 251 -16.73 4.87 -21.38
CA SER B 251 -16.70 4.86 -21.37
C SER B 251 -17.71 4.05 -22.22
C SER B 251 -17.65 4.01 -22.23
N CYS B 252 -18.24 2.97 -21.65
CA CYS B 252 -19.18 2.08 -22.43
C CYS B 252 -20.46 2.80 -22.85
N THR B 253 -20.72 4.01 -22.33
CA THR B 253 -21.90 4.73 -22.85
C THR B 253 -21.60 5.54 -24.12
N SER B 254 -20.34 5.58 -24.54
CA SER B 254 -19.95 6.26 -25.77
C SER B 254 -20.29 5.39 -27.01
N ARG B 255 -20.70 6.04 -28.09
CA ARG B 255 -20.92 5.34 -29.37
C ARG B 255 -19.64 4.70 -29.94
N ASP B 256 -18.48 5.25 -29.55
CA ASP B 256 -17.17 4.80 -30.06
C ASP B 256 -16.52 3.68 -29.23
N TYR B 257 -17.21 3.20 -28.19
CA TYR B 257 -16.63 2.27 -27.21
C TYR B 257 -16.49 0.90 -27.86
N GLY B 258 -15.46 0.14 -27.51
CA GLY B 258 -15.49 -1.28 -27.81
C GLY B 258 -14.26 -1.90 -28.44
N LYS B 259 -13.44 -1.08 -29.08
CA LYS B 259 -12.18 -1.55 -29.62
C LYS B 259 -11.03 -0.83 -28.88
N PRO B 260 -9.85 -1.48 -28.84
CA PRO B 260 -8.68 -0.79 -28.29
C PRO B 260 -8.57 0.57 -28.96
N PHE B 261 -8.39 1.61 -28.14
CA PHE B 261 -8.36 2.98 -28.63
C PHE B 261 -7.43 3.24 -29.82
N TYR B 262 -6.22 2.67 -29.79
CA TYR B 262 -5.34 2.72 -30.98
C TYR B 262 -6.12 2.44 -32.29
N GLU B 263 -6.92 1.37 -32.30
CA GLU B 263 -7.75 1.01 -33.48
C GLU B 263 -8.81 2.06 -33.78
N ILE B 264 -9.43 2.60 -32.75
CA ILE B 264 -10.38 3.68 -32.88
C ILE B 264 -9.69 4.94 -33.42
N PHE B 265 -8.45 5.18 -33.02
CA PHE B 265 -7.79 6.43 -33.38
C PHE B 265 -7.32 6.45 -34.84
N LYS B 266 -6.77 5.31 -35.25
CA LYS B 266 -6.48 5.08 -36.67
C LYS B 266 -7.42 3.98 -37.17
N ALA B 267 -8.71 4.33 -37.19
CA ALA B 267 -9.74 3.58 -37.93
C ALA B 267 -10.80 4.58 -38.37
N ALA B 268 -10.86 5.70 -37.67
CA ALA B 268 -11.45 6.89 -38.26
C ALA B 268 -10.27 7.81 -38.60
N ASN B 269 -9.35 7.22 -39.36
CA ASN B 269 -8.34 7.94 -40.13
C ASN B 269 -7.42 8.84 -39.30
N TYR B 270 -7.99 9.46 -38.28
CA TYR B 270 -7.53 10.72 -37.76
C TYR B 270 -6.29 10.74 -36.89
N ASP B 271 -6.33 11.86 -36.18
CA ASP B 271 -5.34 12.43 -35.35
C ASP B 271 -6.25 13.40 -34.57
N PHE B 272 -7.13 12.74 -33.78
CA PHE B 272 -8.42 13.17 -33.26
C PHE B 272 -9.58 13.24 -34.20
N TYR B 273 -10.47 14.21 -33.98
CA TYR B 273 -11.85 13.79 -33.92
C TYR B 273 -12.90 14.74 -34.50
N LYS B 274 -13.96 14.17 -35.10
CA LYS B 274 -14.76 13.07 -34.53
C LYS B 274 -14.25 11.69 -34.21
N ILE B 275 -13.66 11.63 -33.03
CA ILE B 275 -13.84 10.57 -32.07
C ILE B 275 -14.75 11.28 -31.03
N ASP B 276 -15.76 10.56 -30.56
CA ASP B 276 -16.58 11.03 -29.44
C ASP B 276 -15.68 11.40 -28.19
N PRO B 277 -15.62 12.71 -27.82
CA PRO B 277 -14.84 13.16 -26.62
C PRO B 277 -15.25 12.41 -25.34
N ASN B 278 -16.55 12.11 -25.22
CA ASN B 278 -17.07 11.28 -24.11
C ASN B 278 -16.47 9.87 -23.92
N LEU B 279 -15.78 9.37 -24.95
CA LEU B 279 -15.08 8.07 -24.85
C LEU B 279 -14.05 8.09 -23.76
N PHE B 280 -13.36 9.23 -23.62
CA PHE B 280 -12.28 9.41 -22.60
C PHE B 280 -12.88 9.55 -21.19
N ALA B 281 -12.93 8.41 -20.51
CA ALA B 281 -13.79 8.21 -19.36
C ALA B 281 -13.39 6.90 -18.65
N PRO B 282 -13.74 6.78 -17.36
CA PRO B 282 -13.38 5.58 -16.61
C PRO B 282 -14.27 4.40 -17.06
N ALA B 283 -13.81 3.16 -16.82
CA ALA B 283 -14.59 1.95 -17.26
C ALA B 283 -15.79 1.81 -16.32
N GLN B 284 -15.55 1.96 -14.98
N GLN B 284 -15.57 2.04 -15.01
CA GLN B 284 -16.61 1.68 -14.00
CA GLN B 284 -16.68 1.85 -14.10
C GLN B 284 -16.55 2.61 -12.80
C GLN B 284 -16.55 2.72 -12.88
N ILE B 285 -17.70 3.08 -12.33
CA ILE B 285 -17.74 4.01 -11.17
C ILE B 285 -18.78 3.57 -10.15
N ALA B 286 -18.53 3.87 -8.87
CA ALA B 286 -19.58 3.77 -7.85
C ALA B 286 -19.64 5.18 -7.23
N VAL B 287 -20.84 5.78 -7.15
CA VAL B 287 -20.99 7.17 -6.71
C VAL B 287 -21.84 7.21 -5.44
N ASN B 288 -21.20 7.65 -4.35
CA ASN B 288 -21.89 7.62 -3.11
C ASN B 288 -22.47 9.02 -2.96
N ASP B 289 -23.78 9.05 -2.86
CA ASP B 289 -24.54 10.29 -2.82
C ASP B 289 -24.81 10.67 -1.37
N LEU B 290 -24.23 11.78 -0.89
CA LEU B 290 -24.42 12.14 0.52
C LEU B 290 -25.89 12.50 0.81
N GLU B 291 -26.58 13.02 -0.21
CA GLU B 291 -27.95 13.45 -0.03
C GLU B 291 -28.87 12.30 0.37
N THR B 292 -28.93 11.26 -0.45
CA THR B 292 -29.89 10.17 -0.23
C THR B 292 -29.25 9.01 0.54
N GLY B 293 -27.93 9.04 0.63
CA GLY B 293 -27.19 7.95 1.27
C GLY B 293 -27.04 6.70 0.44
N LYS B 294 -27.38 6.80 -0.84
CA LYS B 294 -27.30 5.66 -1.73
C LYS B 294 -25.97 5.69 -2.50
N THR B 295 -25.58 4.54 -3.05
CA THR B 295 -24.39 4.48 -3.87
C THR B 295 -24.71 3.84 -5.27
N TYR B 296 -24.57 4.66 -6.30
CA TYR B 296 -25.00 4.24 -7.64
C TYR B 296 -23.81 3.70 -8.42
N VAL B 297 -23.97 2.50 -9.03
CA VAL B 297 -22.86 1.85 -9.70
C VAL B 297 -23.15 1.88 -11.22
N HIS B 298 -22.14 2.27 -12.00
CA HIS B 298 -22.31 2.37 -13.48
C HIS B 298 -21.06 1.90 -14.18
N GLY B 299 -21.22 1.23 -15.30
CA GLY B 299 -20.04 0.85 -16.08
C GLY B 299 -19.66 -0.60 -15.90
N LYS B 300 -18.54 -0.97 -16.49
CA LYS B 300 -18.07 -2.36 -16.53
C LYS B 300 -16.63 -2.42 -16.92
N LEU B 301 -15.97 -3.50 -16.52
CA LEU B 301 -14.59 -3.84 -16.88
C LEU B 301 -14.60 -4.72 -18.12
N ASN B 302 -13.55 -4.65 -18.94
CA ASN B 302 -13.37 -5.47 -20.12
C ASN B 302 -11.90 -5.91 -20.24
N ALA B 303 -11.59 -7.07 -19.64
CA ALA B 303 -10.21 -7.59 -19.63
C ALA B 303 -9.85 -8.06 -21.03
N GLU B 304 -10.86 -8.51 -21.77
CA GLU B 304 -10.67 -9.03 -23.15
C GLU B 304 -10.09 -7.94 -24.05
N VAL B 305 -10.65 -6.72 -23.99
CA VAL B 305 -10.14 -5.59 -24.79
C VAL B 305 -8.79 -5.11 -24.21
N LEU B 306 -8.70 -5.04 -22.88
CA LEU B 306 -7.41 -4.64 -22.30
C LEU B 306 -6.22 -5.50 -22.76
N PHE B 307 -6.42 -6.82 -22.78
CA PHE B 307 -5.41 -7.77 -23.24
C PHE B 307 -5.02 -7.58 -24.70
N GLN B 308 -6.01 -7.24 -25.54
CA GLN B 308 -5.72 -6.81 -26.92
C GLN B 308 -4.88 -5.52 -26.93
N SER B 309 -5.34 -4.47 -26.21
CA SER B 309 -4.61 -3.19 -26.14
C SER B 309 -3.19 -3.42 -25.70
N TYR B 310 -3.03 -4.30 -24.70
CA TYR B 310 -1.76 -4.57 -24.04
C TYR B 310 -0.83 -5.48 -24.84
N GLN B 311 -1.29 -5.94 -26.00
CA GLN B 311 -0.46 -6.83 -26.81
C GLN B 311 0.10 -8.00 -25.99
N ILE B 312 -0.80 -8.58 -25.19
CA ILE B 312 -0.58 -9.86 -24.47
C ILE B 312 -0.47 -11.07 -25.40
N VAL B 313 0.50 -11.91 -25.09
CA VAL B 313 0.72 -13.16 -25.79
C VAL B 313 0.66 -14.26 -24.74
N LEU B 314 -0.43 -15.04 -24.77
CA LEU B 314 -0.52 -16.21 -23.93
C LEU B 314 0.20 -17.37 -24.61
N GLU B 315 0.54 -18.40 -23.85
CA GLU B 315 0.98 -19.66 -24.55
C GLU B 315 -0.04 -20.38 -25.42
N MET C 1 9.54 0.37 27.61
CA MET C 1 8.04 0.33 27.62
C MET C 1 7.55 1.13 26.40
N LEU C 2 6.43 0.74 25.81
CA LEU C 2 5.77 1.46 24.72
C LEU C 2 4.61 2.25 25.29
N SER C 3 4.68 3.57 25.13
CA SER C 3 3.66 4.45 25.66
C SER C 3 2.71 4.82 24.53
N VAL C 4 1.53 4.20 24.57
CA VAL C 4 0.53 4.52 23.50
C VAL C 4 0.16 6.01 23.40
N ASN C 5 0.12 6.70 24.57
CA ASN C 5 -0.20 8.16 24.61
C ASN C 5 0.92 9.00 23.99
N GLU C 6 2.15 8.66 24.29
CA GLU C 6 3.27 9.51 23.80
C GLU C 6 3.43 9.27 22.27
N ILE C 7 3.36 8.00 21.89
CA ILE C 7 3.45 7.66 20.44
C ILE C 7 2.29 8.31 19.64
N ALA C 8 1.05 8.15 20.12
CA ALA C 8 -0.11 8.73 19.43
C ALA C 8 -0.04 10.28 19.42
N ALA C 9 0.52 10.89 20.50
CA ALA C 9 0.63 12.37 20.51
C ALA C 9 1.45 12.89 19.32
N GLU C 10 2.51 12.18 18.96
CA GLU C 10 3.32 12.59 17.78
C GLU C 10 2.49 12.63 16.47
N ILE C 11 1.59 11.65 16.32
CA ILE C 11 0.67 11.58 15.15
C ILE C 11 -0.27 12.75 15.19
N VAL C 12 -0.84 13.04 16.35
CA VAL C 12 -1.74 14.21 16.47
C VAL C 12 -0.98 15.49 16.13
N GLU C 13 0.26 15.64 16.63
CA GLU C 13 1.06 16.79 16.23
C GLU C 13 1.28 16.91 14.70
N ASP C 14 1.35 15.77 14.00
N ASP C 14 1.37 15.75 14.00
CA ASP C 14 1.56 15.75 12.56
CA ASP C 14 1.54 15.74 12.53
C ASP C 14 0.24 16.19 11.89
C ASP C 14 0.23 16.21 11.90
N MET C 15 -0.88 15.74 12.45
CA MET C 15 -2.22 16.20 11.97
C MET C 15 -2.34 17.73 12.07
N LEU C 16 -1.93 18.28 13.21
CA LEU C 16 -2.01 19.75 13.41
C LEU C 16 -1.21 20.56 12.40
N ASP C 17 -0.18 19.92 11.83
CA ASP C 17 0.68 20.57 10.84
C ASP C 17 0.10 20.64 9.42
N TYR C 18 -0.95 19.84 9.15
CA TYR C 18 -1.55 19.70 7.82
C TYR C 18 -3.06 19.84 7.85
N GLU C 19 -3.58 20.73 8.70
CA GLU C 19 -5.06 20.77 8.86
C GLU C 19 -5.85 21.06 7.58
N GLU C 20 -5.41 22.04 6.79
CA GLU C 20 -6.17 22.43 5.62
C GLU C 20 -6.15 21.26 4.63
N GLU C 21 -4.98 20.63 4.47
CA GLU C 21 -4.82 19.48 3.56
C GLU C 21 -5.75 18.33 3.98
N LEU C 22 -5.79 18.03 5.28
CA LEU C 22 -6.57 16.93 5.83
C LEU C 22 -8.05 17.29 6.02
N ARG C 23 -8.38 18.59 5.85
N ARG C 23 -8.36 18.60 5.89
CA ARG C 23 -9.73 19.14 6.01
CA ARG C 23 -9.71 19.14 6.04
C ARG C 23 -10.26 18.90 7.43
C ARG C 23 -10.25 18.90 7.44
N ILE C 24 -9.41 19.21 8.43
CA ILE C 24 -9.76 19.15 9.83
C ILE C 24 -9.56 20.55 10.41
N GLU C 25 -10.05 20.73 11.63
CA GLU C 25 -9.86 22.00 12.33
C GLU C 25 -9.64 21.73 13.81
N SER C 26 -8.66 22.38 14.39
CA SER C 26 -8.48 22.26 15.83
C SER C 26 -8.76 23.57 16.57
N LYS C 27 -9.07 23.44 17.85
CA LYS C 27 -9.26 24.61 18.72
C LYS C 27 -8.56 24.29 20.04
N LYS C 28 -7.87 25.28 20.62
CA LYS C 28 -7.37 25.13 21.96
C LYS C 28 -8.38 25.76 22.93
N LEU C 29 -8.92 24.95 23.85
CA LEU C 29 -9.93 25.43 24.78
C LEU C 29 -9.31 26.38 25.84
N GLU C 30 -10.15 26.96 26.67
CA GLU C 30 -9.63 27.93 27.64
C GLU C 30 -8.78 27.23 28.70
N ASN C 31 -9.04 25.94 28.96
CA ASN C 31 -8.17 25.19 29.89
C ASN C 31 -6.90 24.58 29.23
N GLY C 32 -6.70 24.89 27.94
CA GLY C 32 -5.52 24.44 27.21
C GLY C 32 -5.72 23.12 26.46
N ALA C 33 -6.84 22.41 26.67
CA ALA C 33 -7.10 21.15 25.93
C ALA C 33 -7.20 21.42 24.45
N ILE C 34 -6.70 20.50 23.66
CA ILE C 34 -6.75 20.64 22.22
C ILE C 34 -7.80 19.67 21.63
N VAL C 35 -8.83 20.27 21.03
CA VAL C 35 -9.89 19.49 20.42
C VAL C 35 -9.74 19.60 18.91
N VAL C 36 -9.57 18.44 18.29
CA VAL C 36 -9.38 18.36 16.82
C VAL C 36 -10.66 17.79 16.14
N ASP C 37 -11.40 18.67 15.46
CA ASP C 37 -12.60 18.25 14.73
C ASP C 37 -12.16 17.54 13.43
N CYS C 38 -12.48 16.24 13.34
CA CYS C 38 -12.13 15.42 12.14
C CYS C 38 -13.39 15.20 11.44
N GLY C 39 -14.53 15.85 11.75
CA GLY C 39 -15.71 15.48 10.95
C GLY C 39 -17.10 15.95 11.40
N VAL C 40 -17.14 16.74 12.47
CA VAL C 40 -18.40 17.31 12.98
C VAL C 40 -18.84 18.49 12.11
N ASN C 41 -18.01 19.52 12.06
CA ASN C 41 -18.30 20.69 11.25
C ASN C 41 -17.34 20.90 10.08
N VAL C 42 -16.57 19.85 9.76
CA VAL C 42 -15.57 19.90 8.71
C VAL C 42 -15.71 18.56 7.94
N PRO C 43 -15.21 18.49 6.70
CA PRO C 43 -15.38 17.21 5.93
C PRO C 43 -14.46 16.10 6.44
N GLY C 44 -13.28 16.43 7.01
CA GLY C 44 -12.26 15.41 7.17
C GLY C 44 -11.84 14.81 5.80
N SER C 45 -11.15 13.66 5.83
CA SER C 45 -10.53 13.16 4.60
C SER C 45 -10.11 11.72 4.81
N TYR C 46 -9.76 11.03 3.73
CA TYR C 46 -9.25 9.69 3.86
C TYR C 46 -8.02 9.65 4.74
N ASP C 47 -7.07 10.52 4.44
CA ASP C 47 -5.86 10.60 5.31
C ASP C 47 -6.14 10.97 6.79
N ALA C 48 -7.09 11.87 7.05
CA ALA C 48 -7.43 12.15 8.47
C ALA C 48 -7.98 10.87 9.06
N GLY C 49 -8.71 10.07 8.24
CA GLY C 49 -9.31 8.80 8.73
C GLY C 49 -8.22 7.80 9.15
N ILE C 50 -7.20 7.64 8.28
CA ILE C 50 -6.05 6.76 8.53
C ILE C 50 -5.33 7.24 9.84
N MET C 51 -5.12 8.57 10.01
CA MET C 51 -4.35 9.06 11.16
C MET C 51 -5.18 8.86 12.40
N TYR C 52 -6.51 9.10 12.31
CA TYR C 52 -7.41 8.82 13.40
C TYR C 52 -7.29 7.37 13.86
N THR C 53 -7.33 6.44 12.89
CA THR C 53 -7.15 5.05 13.21
C THR C 53 -5.80 4.72 13.83
N GLN C 54 -4.72 5.31 13.29
CA GLN C 54 -3.33 5.07 13.83
C GLN C 54 -3.30 5.49 15.29
N VAL C 55 -3.96 6.60 15.53
CA VAL C 55 -4.03 7.14 16.93
C VAL C 55 -4.84 6.21 17.82
N CYS C 56 -6.01 5.71 17.28
CA CYS C 56 -6.78 4.76 18.07
C CYS C 56 -5.97 3.50 18.43
N MET C 57 -5.02 3.16 17.57
CA MET C 57 -4.24 1.95 17.80
C MET C 57 -2.90 2.24 18.45
N GLY C 58 -2.82 3.45 19.06
CA GLY C 58 -1.64 3.89 19.95
C GLY C 58 -0.35 3.96 19.15
N GLY C 59 -0.47 4.19 17.81
CA GLY C 59 0.77 4.29 17.00
C GLY C 59 1.45 2.95 16.83
N LEU C 60 0.77 1.84 17.21
CA LEU C 60 1.39 0.50 17.15
C LEU C 60 0.95 -0.40 15.99
N ALA C 61 0.40 0.23 14.96
CA ALA C 61 -0.11 -0.56 13.81
C ALA C 61 0.28 0.15 12.54
N ASP C 62 0.14 -0.63 11.42
CA ASP C 62 0.27 0.05 10.14
C ASP C 62 -1.18 0.05 9.55
N VAL C 63 -1.58 1.18 8.95
CA VAL C 63 -2.94 1.35 8.39
C VAL C 63 -2.75 2.06 7.08
N ASP C 64 -3.29 1.43 6.02
CA ASP C 64 -3.25 2.00 4.67
C ASP C 64 -4.57 1.84 3.98
N ILE C 65 -4.76 2.64 2.95
CA ILE C 65 -6.01 2.44 2.08
C ILE C 65 -5.57 1.97 0.70
N VAL C 66 -6.23 0.92 0.22
N VAL C 66 -6.24 0.95 0.16
CA VAL C 66 -6.17 0.46 -1.17
CA VAL C 66 -6.03 0.43 -1.22
C VAL C 66 -7.55 0.43 -1.83
C VAL C 66 -7.38 0.22 -1.89
N VAL C 67 -7.52 0.72 -3.11
CA VAL C 67 -8.75 0.59 -3.87
C VAL C 67 -8.86 -0.80 -4.56
N ASP C 68 -9.96 -1.47 -4.32
CA ASP C 68 -10.16 -2.77 -4.98
C ASP C 68 -11.67 -2.99 -5.25
N THR C 69 -12.09 -4.19 -5.60
CA THR C 69 -13.46 -4.41 -6.07
C THR C 69 -14.13 -5.55 -5.35
N ILE C 70 -15.45 -5.43 -5.19
CA ILE C 70 -16.32 -6.52 -4.66
C ILE C 70 -17.37 -6.77 -5.78
N ASN C 71 -17.31 -7.97 -6.39
CA ASN C 71 -18.20 -8.28 -7.54
C ASN C 71 -18.20 -7.15 -8.54
N ASP C 72 -16.99 -6.73 -8.87
CA ASP C 72 -16.72 -5.71 -9.85
C ASP C 72 -16.85 -4.28 -9.34
N VAL C 73 -17.59 -4.06 -8.25
CA VAL C 73 -17.84 -2.69 -7.84
C VAL C 73 -16.63 -2.12 -7.02
N PRO C 74 -16.12 -0.94 -7.42
CA PRO C 74 -14.98 -0.44 -6.62
C PRO C 74 -15.30 0.11 -5.22
N PHE C 75 -14.47 -0.23 -4.21
CA PHE C 75 -14.50 0.41 -2.89
C PHE C 75 -13.09 0.68 -2.50
N ALA C 76 -12.98 1.70 -1.66
CA ALA C 76 -11.73 1.87 -0.84
C ALA C 76 -11.74 0.88 0.33
N PHE C 77 -10.57 0.29 0.63
CA PHE C 77 -10.42 -0.73 1.67
C PHE C 77 -9.35 -0.22 2.63
N VAL C 78 -9.55 -0.48 3.92
CA VAL C 78 -8.43 -0.53 4.84
C VAL C 78 -7.68 -1.86 4.78
N THR C 79 -6.35 -1.78 4.74
CA THR C 79 -5.44 -2.91 4.99
C THR C 79 -4.57 -2.44 6.16
N GLU C 80 -4.43 -3.35 7.11
CA GLU C 80 -3.73 -2.98 8.34
C GLU C 80 -3.13 -4.22 8.99
N TYR C 81 -2.12 -3.96 9.85
CA TYR C 81 -1.53 -5.06 10.64
C TYR C 81 -0.84 -4.52 11.87
N THR C 82 -0.68 -5.40 12.83
CA THR C 82 -0.03 -4.97 14.10
C THR C 82 0.65 -6.16 14.74
N ASP C 83 1.83 -5.89 15.33
CA ASP C 83 2.54 -6.92 16.16
C ASP C 83 2.37 -6.60 17.66
N HIS C 84 1.42 -5.72 17.98
CA HIS C 84 1.00 -5.54 19.39
C HIS C 84 -0.45 -5.60 19.59
N PRO C 85 -1.08 -6.68 19.07
CA PRO C 85 -2.56 -6.63 19.10
C PRO C 85 -3.30 -6.44 20.40
N ALA C 86 -2.76 -6.95 21.54
CA ALA C 86 -3.44 -6.82 22.82
C ALA C 86 -3.43 -5.30 23.20
N ILE C 87 -2.24 -4.68 23.13
CA ILE C 87 -2.14 -3.28 23.54
C ILE C 87 -2.82 -2.36 22.54
N ALA C 88 -2.49 -2.56 21.24
CA ALA C 88 -3.02 -1.65 20.24
C ALA C 88 -4.58 -1.72 20.14
N CYS C 89 -5.08 -2.95 20.26
CA CYS C 89 -6.53 -3.15 20.01
C CYS C 89 -7.41 -3.19 21.26
N LEU C 90 -6.89 -3.85 22.32
CA LEU C 90 -7.68 -3.90 23.60
C LEU C 90 -7.36 -2.82 24.56
N GLY C 91 -6.09 -2.54 24.53
CA GLY C 91 -5.57 -1.51 25.48
C GLY C 91 -5.82 -0.09 24.98
N SER C 92 -6.07 0.07 23.66
CA SER C 92 -6.16 1.38 23.10
C SER C 92 -7.40 1.53 22.20
N GLN C 93 -7.48 0.77 21.09
CA GLN C 93 -8.47 1.07 20.00
C GLN C 93 -9.91 0.83 20.38
N LYS C 94 -10.19 -0.20 21.13
CA LYS C 94 -11.60 -0.54 21.45
C LYS C 94 -12.32 0.61 22.10
N ALA C 95 -13.54 0.91 21.72
CA ALA C 95 -14.28 2.05 22.29
C ALA C 95 -14.84 1.67 23.69
N GLY C 96 -13.95 1.44 24.65
CA GLY C 96 -14.35 0.86 25.92
C GLY C 96 -14.65 1.83 27.07
N TRP C 97 -14.58 3.13 26.80
CA TRP C 97 -14.91 4.11 27.82
C TRP C 97 -16.18 4.85 27.44
N GLN C 98 -17.23 4.66 28.23
CA GLN C 98 -18.47 5.45 28.10
C GLN C 98 -18.33 6.75 28.85
N ILE C 99 -18.38 7.86 28.10
N ILE C 99 -18.43 7.87 28.13
CA ILE C 99 -18.29 9.22 28.66
CA ILE C 99 -18.25 9.20 28.73
C ILE C 99 -19.71 9.75 28.72
C ILE C 99 -19.59 9.92 28.69
N LYS C 100 -20.10 10.25 29.87
CA LYS C 100 -21.33 11.02 30.04
C LYS C 100 -20.90 12.18 30.94
N VAL C 101 -21.04 13.40 30.45
CA VAL C 101 -20.75 14.58 31.26
C VAL C 101 -22.00 15.43 31.07
N ASP C 102 -22.86 15.47 32.09
CA ASP C 102 -24.18 16.12 31.96
C ASP C 102 -24.97 15.51 30.80
N LYS C 103 -25.24 16.30 29.76
CA LYS C 103 -26.03 15.83 28.61
C LYS C 103 -25.18 15.49 27.40
N TYR C 104 -23.88 15.64 27.56
CA TYR C 104 -22.88 15.25 26.57
C TYR C 104 -22.54 13.75 26.65
N PHE C 105 -22.85 13.02 25.57
CA PHE C 105 -22.45 11.61 25.48
C PHE C 105 -21.35 11.46 24.42
N ALA C 106 -20.30 10.70 24.75
CA ALA C 106 -19.31 10.30 23.73
C ALA C 106 -18.78 8.92 24.05
N MET C 107 -18.34 8.18 23.02
CA MET C 107 -17.63 6.93 23.25
C MET C 107 -16.18 7.21 23.10
N GLY C 108 -15.42 6.76 24.08
CA GLY C 108 -13.98 7.07 24.14
C GLY C 108 -13.21 5.84 23.67
N SER C 109 -12.37 6.08 22.66
CA SER C 109 -11.37 5.12 22.17
C SER C 109 -9.95 5.72 22.32
N GLY C 110 -8.95 4.86 22.27
CA GLY C 110 -7.63 5.22 21.93
C GLY C 110 -6.83 5.31 23.26
N PRO C 111 -5.62 5.92 23.22
CA PRO C 111 -4.59 5.76 24.26
C PRO C 111 -4.97 6.33 25.65
N ALA C 112 -5.88 7.28 25.72
CA ALA C 112 -6.24 7.90 27.11
C ALA C 112 -6.87 6.76 27.95
N ARG C 113 -7.46 5.75 27.28
CA ARG C 113 -8.07 4.61 27.99
C ARG C 113 -7.05 3.88 28.89
N ALA C 114 -5.79 3.84 28.41
CA ALA C 114 -4.71 3.09 29.08
C ALA C 114 -4.17 3.94 30.25
N LEU C 115 -4.63 5.22 30.42
CA LEU C 115 -4.32 6.05 31.66
C LEU C 115 -5.49 6.02 32.61
N ALA C 116 -6.72 6.18 32.10
CA ALA C 116 -7.92 6.15 32.96
C ALA C 116 -8.25 4.70 33.40
N LEU C 117 -7.76 3.70 32.62
CA LEU C 117 -7.95 2.30 32.91
C LEU C 117 -9.42 2.01 32.77
N LYS C 118 -9.92 2.28 31.53
CA LYS C 118 -11.34 2.17 31.19
C LYS C 118 -11.56 1.08 30.16
N PRO C 119 -12.10 -0.07 30.59
CA PRO C 119 -12.52 -0.58 31.93
C PRO C 119 -11.37 -1.29 32.61
N LYS C 120 -11.47 -1.43 33.93
CA LYS C 120 -10.41 -1.96 34.74
C LYS C 120 -9.89 -3.34 34.32
N LYS C 121 -10.82 -4.26 33.94
CA LYS C 121 -10.46 -5.64 33.87
C LYS C 121 -9.61 -5.85 32.62
N THR C 122 -9.80 -5.01 31.57
CA THR C 122 -9.03 -5.18 30.30
C THR C 122 -7.53 -5.10 30.54
N TYR C 123 -7.16 -4.09 31.33
CA TYR C 123 -5.75 -3.81 31.62
C TYR C 123 -5.11 -4.90 32.50
N GLU C 124 -5.90 -5.53 33.38
CA GLU C 124 -5.44 -6.72 34.09
C GLU C 124 -5.23 -7.91 33.17
N ARG C 125 -6.12 -7.97 32.20
CA ARG C 125 -6.13 -9.10 31.31
C ARG C 125 -4.90 -9.06 30.39
N ILE C 126 -4.60 -7.87 29.87
CA ILE C 126 -3.45 -7.71 28.93
C ILE C 126 -2.13 -7.31 29.60
N GLU C 127 -2.20 -7.04 30.92
CA GLU C 127 -1.02 -6.65 31.72
C GLU C 127 -0.28 -5.42 31.14
N TYR C 128 -1.06 -4.37 30.90
CA TYR C 128 -0.54 -3.12 30.40
C TYR C 128 -1.19 -1.94 31.10
N GLU C 129 -0.35 -0.96 31.42
CA GLU C 129 -0.84 0.34 31.79
C GLU C 129 0.17 1.38 31.30
N ASP C 130 -0.34 2.50 30.79
CA ASP C 130 0.56 3.51 30.27
C ASP C 130 0.94 4.44 31.45
N ASP C 131 2.09 5.07 31.31
CA ASP C 131 2.52 6.15 32.17
C ASP C 131 2.95 7.24 31.21
N ALA C 132 2.21 8.31 31.19
CA ALA C 132 2.52 9.41 30.30
C ALA C 132 1.89 10.62 30.96
N ASP C 133 2.39 11.83 30.73
CA ASP C 133 1.62 13.01 31.23
C ASP C 133 0.98 13.76 30.11
N VAL C 134 0.83 13.05 29.01
CA VAL C 134 -0.08 13.44 27.89
C VAL C 134 -1.17 12.37 27.67
N ALA C 135 -2.40 12.81 27.43
CA ALA C 135 -3.49 11.90 27.10
C ALA C 135 -4.04 12.21 25.72
N VAL C 136 -4.18 11.15 24.93
CA VAL C 136 -4.76 11.26 23.61
C VAL C 136 -6.02 10.41 23.50
N ILE C 137 -7.17 11.05 23.24
CA ILE C 137 -8.47 10.34 23.14
C ILE C 137 -9.13 10.50 21.73
N ALA C 138 -9.87 9.49 21.29
CA ALA C 138 -10.64 9.65 20.08
C ALA C 138 -12.09 9.47 20.45
N LEU C 139 -12.89 10.42 20.04
CA LEU C 139 -14.29 10.45 20.40
C LEU C 139 -15.15 10.27 19.17
N GLU C 140 -16.08 9.31 19.22
N GLU C 140 -16.03 9.30 19.29
CA GLU C 140 -17.17 9.17 18.23
CA GLU C 140 -17.15 9.18 18.42
C GLU C 140 -18.36 9.90 18.86
C GLU C 140 -18.15 10.10 19.12
N ALA C 141 -18.62 11.13 18.40
CA ALA C 141 -19.61 12.09 18.95
C ALA C 141 -20.16 12.91 17.74
N ASN C 142 -21.37 13.46 17.85
CA ASN C 142 -22.00 14.35 16.82
C ASN C 142 -21.90 15.83 17.26
N GLN C 143 -21.17 16.02 18.35
CA GLN C 143 -20.93 17.31 18.97
C GLN C 143 -19.53 17.37 19.55
N LEU C 144 -18.85 18.50 19.34
CA LEU C 144 -17.50 18.69 19.86
C LEU C 144 -17.51 18.87 21.37
N PRO C 145 -16.55 18.23 22.07
CA PRO C 145 -16.43 18.40 23.52
C PRO C 145 -15.99 19.79 23.98
N ASP C 146 -16.66 20.31 24.99
CA ASP C 146 -16.25 21.60 25.55
C ASP C 146 -15.28 21.47 26.76
N GLU C 147 -14.90 22.62 27.32
CA GLU C 147 -13.99 22.71 28.49
C GLU C 147 -14.33 21.68 29.60
N LYS C 148 -15.60 21.60 29.96
CA LYS C 148 -16.04 20.74 31.06
C LYS C 148 -15.84 19.23 30.76
N VAL C 149 -16.15 18.86 29.53
CA VAL C 149 -15.94 17.48 29.09
C VAL C 149 -14.44 17.13 29.11
N MET C 150 -13.62 18.06 28.64
CA MET C 150 -12.17 17.81 28.54
C MET C 150 -11.51 17.78 29.92
N GLU C 151 -12.05 18.62 30.83
CA GLU C 151 -11.67 18.65 32.26
C GLU C 151 -11.96 17.27 32.88
N PHE C 152 -13.13 16.72 32.60
CA PHE C 152 -13.46 15.38 33.10
C PHE C 152 -12.47 14.32 32.55
N ILE C 153 -12.24 14.32 31.22
CA ILE C 153 -11.31 13.36 30.64
C ILE C 153 -9.92 13.49 31.28
N ALA C 154 -9.45 14.74 31.41
CA ALA C 154 -8.14 15.06 32.04
C ALA C 154 -8.04 14.49 33.47
N LYS C 155 -9.10 14.71 34.26
CA LYS C 155 -9.06 14.31 35.69
C LYS C 155 -9.08 12.78 35.76
N GLU C 156 -9.90 12.13 34.91
CA GLU C 156 -9.93 10.64 34.89
C GLU C 156 -8.61 10.00 34.49
N CYS C 157 -7.84 10.71 33.65
CA CYS C 157 -6.53 10.23 33.21
C CYS C 157 -5.32 10.67 34.08
N ASP C 158 -5.62 11.50 35.09
CA ASP C 158 -4.60 12.14 36.02
C ASP C 158 -3.59 12.94 35.21
N VAL C 159 -4.08 13.70 34.24
CA VAL C 159 -3.25 14.54 33.38
C VAL C 159 -3.84 15.97 33.57
N ASP C 160 -3.03 17.00 33.34
N ASP C 160 -3.02 16.99 33.33
CA ASP C 160 -3.48 18.41 33.34
CA ASP C 160 -3.48 18.38 33.35
C ASP C 160 -4.24 18.57 32.03
C ASP C 160 -4.22 18.58 32.03
N PRO C 161 -5.38 19.30 32.03
CA PRO C 161 -6.16 19.54 30.78
C PRO C 161 -5.37 20.12 29.61
N GLU C 162 -4.33 20.91 29.88
CA GLU C 162 -3.46 21.43 28.84
C GLU C 162 -2.64 20.35 28.16
N ASN C 163 -2.68 19.14 28.71
CA ASN C 163 -1.95 18.03 28.11
C ASN C 163 -2.89 16.99 27.56
N VAL C 164 -4.11 17.45 27.29
CA VAL C 164 -5.06 16.53 26.63
C VAL C 164 -5.39 16.88 25.16
N TYR C 165 -5.27 15.88 24.30
CA TYR C 165 -5.78 15.96 22.91
C TYR C 165 -7.01 15.06 22.67
N ALA C 166 -8.03 15.60 22.00
CA ALA C 166 -9.15 14.76 21.55
C ALA C 166 -9.30 14.89 20.05
N LEU C 167 -9.44 13.74 19.36
CA LEU C 167 -9.90 13.68 17.95
C LEU C 167 -11.40 13.38 18.00
N VAL C 168 -12.20 13.99 17.11
CA VAL C 168 -13.66 13.84 17.22
C VAL C 168 -14.25 13.67 15.79
N ALA C 169 -15.09 12.66 15.54
CA ALA C 169 -15.87 12.58 14.30
C ALA C 169 -17.10 11.82 14.61
N PRO C 170 -18.19 12.08 13.82
CA PRO C 170 -19.46 11.34 14.01
C PRO C 170 -19.38 10.05 13.20
N THR C 171 -20.31 9.12 13.43
CA THR C 171 -20.33 7.85 12.67
C THR C 171 -20.46 8.06 11.16
N ALA C 172 -21.36 8.97 10.74
CA ALA C 172 -21.58 9.28 9.31
C ALA C 172 -20.63 10.39 8.91
N SER C 173 -19.40 10.00 8.59
CA SER C 173 -18.40 10.91 8.05
C SER C 173 -17.33 10.05 7.40
N ILE C 174 -16.49 10.64 6.54
CA ILE C 174 -15.43 9.82 5.95
C ILE C 174 -14.49 9.25 7.03
N VAL C 175 -14.17 10.12 7.98
CA VAL C 175 -13.30 9.67 9.12
C VAL C 175 -14.01 8.52 9.87
N GLY C 176 -15.28 8.70 10.16
CA GLY C 176 -16.01 7.65 10.86
C GLY C 176 -15.96 6.34 10.02
N SER C 177 -16.28 6.40 8.69
CA SER C 177 -16.15 5.17 7.95
C SER C 177 -14.78 4.50 7.97
N VAL C 178 -13.76 5.29 7.69
CA VAL C 178 -12.37 4.78 7.68
C VAL C 178 -12.04 4.17 9.05
N GLN C 179 -12.27 4.97 10.11
CA GLN C 179 -11.85 4.46 11.41
C GLN C 179 -12.56 3.22 11.92
N ILE C 180 -13.84 3.07 11.52
CA ILE C 180 -14.56 1.89 12.02
C ILE C 180 -14.11 0.65 11.18
N SER C 181 -13.93 0.80 9.83
CA SER C 181 -13.38 -0.34 9.12
C SER C 181 -11.95 -0.65 9.59
N GLY C 182 -11.26 0.42 10.04
CA GLY C 182 -9.96 0.35 10.73
C GLY C 182 -9.90 -0.52 11.99
N ARG C 183 -11.05 -0.92 12.51
CA ARG C 183 -11.17 -1.82 13.71
C ARG C 183 -11.27 -3.33 13.28
N ILE C 184 -10.92 -3.62 12.03
CA ILE C 184 -11.13 -5.01 11.65
C ILE C 184 -10.26 -5.95 12.49
N VAL C 185 -8.96 -5.68 12.65
CA VAL C 185 -8.19 -6.58 13.56
C VAL C 185 -8.81 -6.54 15.01
N GLN C 186 -9.06 -5.32 15.52
CA GLN C 186 -9.64 -5.15 16.85
C GLN C 186 -10.87 -6.05 17.12
N THR C 187 -11.77 -6.08 16.14
N THR C 187 -11.78 -6.08 16.13
CA THR C 187 -13.00 -6.85 16.33
CA THR C 187 -13.02 -6.87 16.28
C THR C 187 -12.69 -8.32 16.52
C THR C 187 -12.69 -8.34 16.52
N ALA C 188 -11.62 -8.82 15.89
CA ALA C 188 -11.23 -10.28 16.02
C ALA C 188 -10.65 -10.43 17.46
N ILE C 189 -9.78 -9.50 17.82
CA ILE C 189 -9.06 -9.64 19.12
C ILE C 189 -10.08 -9.53 20.25
N PHE C 190 -11.01 -8.57 20.13
CA PHE C 190 -11.99 -8.35 21.18
C PHE C 190 -12.92 -9.55 21.38
N LYS C 191 -13.40 -10.01 20.25
CA LYS C 191 -14.27 -11.26 20.11
C LYS C 191 -13.53 -12.48 20.75
N MET C 192 -12.27 -12.69 20.39
CA MET C 192 -11.43 -13.78 21.03
C MET C 192 -11.48 -13.69 22.55
N ASN C 193 -11.12 -12.52 23.05
CA ASN C 193 -11.16 -12.39 24.49
C ASN C 193 -12.53 -12.63 25.09
N GLU C 194 -13.56 -12.07 24.46
N GLU C 194 -13.57 -12.08 24.46
CA GLU C 194 -14.93 -12.21 24.95
CA GLU C 194 -14.94 -12.21 24.93
C GLU C 194 -15.40 -13.68 25.05
C GLU C 194 -15.39 -13.69 25.06
N ILE C 195 -14.86 -14.56 24.20
CA ILE C 195 -15.24 -16.01 24.18
C ILE C 195 -14.31 -16.84 25.06
N GLY C 196 -13.36 -16.14 25.72
CA GLY C 196 -12.52 -16.72 26.81
C GLY C 196 -11.07 -17.01 26.45
N TYR C 197 -10.70 -16.72 25.21
CA TYR C 197 -9.33 -16.94 24.75
C TYR C 197 -8.37 -15.80 25.24
N ASP C 198 -7.25 -16.18 25.87
CA ASP C 198 -6.34 -15.21 26.50
C ASP C 198 -5.68 -14.36 25.40
N PRO C 199 -5.98 -13.03 25.36
CA PRO C 199 -5.35 -12.20 24.34
C PRO C 199 -3.83 -12.15 24.43
N LYS C 200 -3.26 -12.46 25.61
CA LYS C 200 -1.79 -12.55 25.74
C LYS C 200 -1.16 -13.63 24.84
N LEU C 201 -1.97 -14.58 24.34
CA LEU C 201 -1.46 -15.65 23.46
C LEU C 201 -1.39 -15.18 21.98
N ILE C 202 -1.96 -14.02 21.70
CA ILE C 202 -2.04 -13.56 20.30
C ILE C 202 -0.76 -12.84 19.95
N VAL C 203 -0.11 -13.28 18.90
CA VAL C 203 1.18 -12.73 18.48
C VAL C 203 1.06 -11.48 17.57
N SER C 204 0.15 -11.56 16.59
CA SER C 204 -0.02 -10.48 15.59
C SER C 204 -1.34 -10.73 14.84
N GLY C 205 -1.77 -9.71 14.11
CA GLY C 205 -3.00 -9.76 13.35
C GLY C 205 -2.85 -8.81 12.16
N ALA C 206 -3.49 -9.24 11.07
CA ALA C 206 -3.48 -8.45 9.82
C ALA C 206 -4.88 -8.50 9.25
N GLY C 207 -5.41 -7.38 8.77
CA GLY C 207 -6.80 -7.45 8.31
C GLY C 207 -7.10 -6.52 7.18
N ARG C 208 -8.20 -6.87 6.46
CA ARG C 208 -8.65 -6.07 5.36
C ARG C 208 -10.17 -5.87 5.53
N CYS C 209 -10.64 -4.72 5.14
CA CYS C 209 -12.06 -4.41 5.33
C CYS C 209 -12.49 -3.22 4.43
N PRO C 210 -13.61 -3.37 3.68
CA PRO C 210 -14.03 -2.25 2.85
C PRO C 210 -14.49 -1.05 3.74
N ILE C 211 -14.27 0.14 3.23
CA ILE C 211 -14.71 1.33 3.87
C ILE C 211 -16.15 1.66 3.45
N SER C 212 -17.06 1.76 4.40
CA SER C 212 -18.47 2.01 4.07
C SER C 212 -18.68 3.32 3.33
N PRO C 213 -19.53 3.32 2.29
CA PRO C 213 -20.10 4.60 1.84
C PRO C 213 -20.67 5.35 3.08
N ILE C 214 -20.73 6.67 2.97
CA ILE C 214 -21.37 7.50 3.98
C ILE C 214 -22.88 7.52 3.75
N LEU C 215 -23.61 7.00 4.72
CA LEU C 215 -25.07 6.92 4.64
C LEU C 215 -25.66 8.24 5.16
N GLU C 216 -26.99 8.34 5.15
CA GLU C 216 -27.66 9.61 5.29
C GLU C 216 -27.81 10.16 6.74
N ASN C 217 -27.49 9.33 7.74
CA ASN C 217 -27.48 9.77 9.15
C ASN C 217 -26.66 8.78 9.98
N ASP C 218 -26.37 9.16 11.26
CA ASP C 218 -25.53 8.35 12.16
C ASP C 218 -26.09 6.95 12.45
N LEU C 219 -27.42 6.83 12.53
CA LEU C 219 -28.07 5.53 12.75
C LEU C 219 -27.81 4.55 11.63
N LYS C 220 -28.12 4.94 10.38
CA LYS C 220 -27.74 4.17 9.20
C LYS C 220 -26.24 3.86 9.16
N ALA C 221 -25.40 4.86 9.41
CA ALA C 221 -23.93 4.70 9.35
C ALA C 221 -23.44 3.68 10.41
N MET C 222 -24.11 3.68 11.55
CA MET C 222 -23.76 2.73 12.62
C MET C 222 -23.90 1.33 12.05
N GLY C 223 -24.97 1.17 11.28
CA GLY C 223 -25.29 -0.10 10.57
C GLY C 223 -24.26 -0.53 9.50
N SER C 224 -24.02 0.34 8.52
CA SER C 224 -23.14 -0.02 7.39
C SER C 224 -21.70 -0.18 7.76
N THR C 225 -21.29 0.64 8.75
CA THR C 225 -19.85 0.59 9.26
C THR C 225 -19.61 -0.74 10.01
N ASN C 226 -20.54 -1.09 10.89
CA ASN C 226 -20.49 -2.38 11.58
C ASN C 226 -20.53 -3.56 10.56
N ASP C 227 -21.40 -3.46 9.55
CA ASP C 227 -21.62 -4.53 8.54
C ASP C 227 -20.35 -4.73 7.69
N SER C 228 -19.60 -3.65 7.48
CA SER C 228 -18.33 -3.77 6.76
C SER C 228 -17.51 -4.92 7.34
N MET C 229 -17.36 -4.91 8.67
CA MET C 229 -16.55 -5.93 9.31
C MET C 229 -17.27 -7.27 9.47
N MET C 230 -18.53 -7.20 9.91
CA MET C 230 -19.33 -8.41 10.18
C MET C 230 -19.57 -9.26 8.90
N TYR C 231 -19.75 -8.57 7.78
CA TYR C 231 -20.06 -9.23 6.50
C TYR C 231 -18.90 -9.26 5.49
N TYR C 232 -17.89 -8.43 5.65
CA TYR C 232 -16.86 -8.39 4.62
C TYR C 232 -15.47 -8.06 5.17
N GLY C 233 -15.28 -8.38 6.44
CA GLY C 233 -13.98 -8.10 7.16
C GLY C 233 -13.22 -9.41 7.31
N SER C 234 -11.96 -9.42 6.86
CA SER C 234 -11.14 -10.60 6.86
C SER C 234 -9.85 -10.39 7.74
N VAL C 235 -9.51 -11.35 8.60
CA VAL C 235 -8.31 -11.23 9.40
C VAL C 235 -7.47 -12.49 9.38
N PHE C 236 -6.15 -12.31 9.24
CA PHE C 236 -5.16 -13.38 9.39
C PHE C 236 -4.47 -13.09 10.74
N LEU C 237 -4.50 -14.09 11.64
CA LEU C 237 -3.92 -13.83 13.03
C LEU C 237 -2.96 -14.92 13.31
N THR C 238 -2.00 -14.63 14.19
CA THR C 238 -1.07 -15.63 14.60
C THR C 238 -1.14 -15.74 16.13
N VAL C 239 -1.13 -16.96 16.62
CA VAL C 239 -1.35 -17.27 18.02
C VAL C 239 -0.37 -18.31 18.54
N LYS C 240 -0.11 -18.27 19.85
CA LYS C 240 0.88 -19.21 20.41
C LYS C 240 0.36 -20.65 20.46
N LYS C 241 -0.91 -20.81 20.83
CA LYS C 241 -1.54 -22.13 20.96
C LYS C 241 -2.98 -21.96 20.52
N TYR C 242 -3.44 -22.85 19.69
CA TYR C 242 -4.84 -22.83 19.26
C TYR C 242 -5.82 -23.36 20.31
N ASP C 243 -7.08 -22.97 20.21
CA ASP C 243 -8.12 -23.47 21.08
C ASP C 243 -9.32 -23.62 20.14
N GLU C 244 -9.96 -24.79 20.19
CA GLU C 244 -11.11 -25.12 19.32
C GLU C 244 -12.22 -24.08 19.45
N ILE C 245 -12.29 -23.37 20.56
CA ILE C 245 -13.35 -22.42 20.74
C ILE C 245 -13.27 -21.30 19.67
N LEU C 246 -12.09 -21.12 19.03
CA LEU C 246 -11.91 -20.01 18.06
C LEU C 246 -12.78 -20.22 16.81
N LYS C 247 -13.36 -21.40 16.67
CA LYS C 247 -14.38 -21.58 15.65
C LYS C 247 -15.58 -20.62 15.84
N ASN C 248 -15.78 -20.11 17.05
CA ASN C 248 -16.90 -19.23 17.34
C ASN C 248 -16.56 -17.75 17.20
N VAL C 249 -15.37 -17.45 16.66
CA VAL C 249 -15.00 -16.03 16.46
C VAL C 249 -15.91 -15.32 15.40
N PRO C 250 -16.17 -15.99 14.20
CA PRO C 250 -16.82 -15.18 13.18
C PRO C 250 -18.24 -14.75 13.53
N SER C 251 -18.68 -13.64 12.98
N SER C 251 -18.64 -13.64 12.94
CA SER C 251 -20.03 -13.16 13.26
CA SER C 251 -19.97 -13.08 13.15
C SER C 251 -21.08 -14.24 12.84
C SER C 251 -21.11 -14.04 12.69
N CYS C 252 -20.83 -14.94 11.73
CA CYS C 252 -21.86 -15.88 11.31
C CYS C 252 -22.24 -16.96 12.32
N THR C 253 -21.48 -17.11 13.39
CA THR C 253 -21.82 -18.08 14.44
C THR C 253 -22.77 -17.46 15.48
N SER C 254 -23.16 -16.20 15.28
CA SER C 254 -24.11 -15.55 16.15
C SER C 254 -25.54 -15.83 15.73
N ARG C 255 -26.39 -16.06 16.73
CA ARG C 255 -27.85 -16.17 16.48
C ARG C 255 -28.45 -14.97 15.74
N ASP C 256 -27.86 -13.76 15.86
CA ASP C 256 -28.42 -12.55 15.21
C ASP C 256 -27.85 -12.25 13.82
N TYR C 257 -26.90 -13.05 13.36
CA TYR C 257 -26.28 -12.85 12.06
C TYR C 257 -27.30 -13.04 10.92
N GLY C 258 -27.20 -12.20 9.91
CA GLY C 258 -27.92 -12.51 8.64
C GLY C 258 -28.50 -11.33 7.89
N LYS C 259 -28.91 -10.30 8.60
CA LYS C 259 -29.38 -9.13 7.92
C LYS C 259 -28.48 -7.92 8.28
N PRO C 260 -28.60 -6.82 7.48
CA PRO C 260 -27.87 -5.58 7.80
C PRO C 260 -28.10 -5.17 9.24
N PHE C 261 -27.02 -4.78 9.93
CA PHE C 261 -27.12 -4.38 11.35
C PHE C 261 -28.19 -3.32 11.66
N TYR C 262 -28.38 -2.35 10.76
CA TYR C 262 -29.46 -1.37 10.91
C TYR C 262 -30.86 -2.05 11.11
N GLU C 263 -31.11 -3.14 10.39
N GLU C 263 -31.12 -3.12 10.37
CA GLU C 263 -32.40 -3.86 10.52
CA GLU C 263 -32.42 -3.84 10.50
C GLU C 263 -32.49 -4.64 11.82
C GLU C 263 -32.50 -4.67 11.78
N ILE C 264 -31.38 -5.27 12.18
CA ILE C 264 -31.25 -5.98 13.48
C ILE C 264 -31.53 -5.00 14.64
N PHE C 265 -30.93 -3.82 14.54
CA PHE C 265 -30.97 -2.83 15.64
C PHE C 265 -32.40 -2.25 15.76
N LYS C 266 -33.02 -1.97 14.61
CA LYS C 266 -34.38 -1.45 14.58
C LYS C 266 -35.32 -2.49 15.21
N ALA C 267 -35.19 -3.76 14.76
CA ALA C 267 -35.99 -4.87 15.28
C ALA C 267 -35.77 -5.13 16.79
N ALA C 268 -34.69 -4.60 17.35
CA ALA C 268 -34.38 -4.72 18.80
C ALA C 268 -34.87 -3.48 19.58
N ASN C 269 -35.66 -2.65 18.90
CA ASN C 269 -36.02 -1.32 19.43
C ASN C 269 -34.85 -0.49 19.95
N TYR C 270 -33.78 -0.46 19.15
CA TYR C 270 -32.60 0.36 19.48
C TYR C 270 -32.00 0.07 20.86
N ASP C 271 -32.08 -1.19 21.28
CA ASP C 271 -31.55 -1.66 22.55
C ASP C 271 -30.49 -2.74 22.36
N PHE C 272 -29.22 -2.42 22.60
CA PHE C 272 -28.10 -3.39 22.46
C PHE C 272 -28.22 -4.56 23.44
N TYR C 273 -28.92 -4.34 24.54
CA TYR C 273 -29.12 -5.45 25.46
C TYR C 273 -29.99 -6.57 24.81
N LYS C 274 -30.67 -6.26 23.71
CA LYS C 274 -31.49 -7.29 23.00
C LYS C 274 -30.73 -7.96 21.82
N ILE C 275 -29.47 -7.59 21.61
CA ILE C 275 -28.67 -8.10 20.51
C ILE C 275 -27.58 -8.98 21.05
N ASP C 276 -27.28 -10.09 20.42
CA ASP C 276 -26.18 -10.93 20.82
C ASP C 276 -24.84 -10.14 20.75
N PRO C 277 -24.15 -9.97 21.90
CA PRO C 277 -22.88 -9.25 21.80
C PRO C 277 -21.86 -9.96 20.93
N ASN C 278 -22.05 -11.29 20.71
CA ASN C 278 -21.07 -12.05 19.93
C ASN C 278 -21.23 -11.77 18.40
N LEU C 279 -22.31 -11.07 18.02
CA LEU C 279 -22.50 -10.61 16.63
C LEU C 279 -21.34 -9.71 16.19
N PHE C 280 -20.87 -8.83 17.13
CA PHE C 280 -19.83 -7.84 16.76
C PHE C 280 -18.50 -8.58 16.60
N ALA C 281 -18.12 -8.89 15.35
CA ALA C 281 -17.11 -9.91 15.12
C ALA C 281 -16.73 -9.87 13.65
N PRO C 282 -15.53 -10.39 13.31
CA PRO C 282 -15.15 -10.27 11.90
C PRO C 282 -15.93 -11.32 11.07
N ALA C 283 -16.00 -11.09 9.73
CA ALA C 283 -16.66 -12.04 8.81
C ALA C 283 -15.90 -13.37 8.73
N GLN C 284 -14.59 -13.30 8.46
N GLN C 284 -14.59 -13.29 8.49
CA GLN C 284 -13.78 -14.50 8.26
CA GLN C 284 -13.80 -14.51 8.34
C GLN C 284 -12.37 -14.32 8.84
C GLN C 284 -12.40 -14.32 8.90
N ILE C 285 -11.81 -15.42 9.39
CA ILE C 285 -10.50 -15.40 10.03
C ILE C 285 -9.71 -16.63 9.56
N ALA C 286 -8.38 -16.48 9.53
CA ALA C 286 -7.46 -17.60 9.39
C ALA C 286 -6.51 -17.44 10.64
N VAL C 287 -6.37 -18.54 11.40
CA VAL C 287 -5.63 -18.49 12.65
C VAL C 287 -4.41 -19.38 12.55
N ASN C 288 -3.23 -18.81 12.44
CA ASN C 288 -2.00 -19.62 12.31
C ASN C 288 -1.58 -19.96 13.72
N ASP C 289 -1.61 -21.23 14.07
CA ASP C 289 -1.18 -21.77 15.33
C ASP C 289 0.30 -22.10 15.34
N LEU C 290 1.06 -21.39 16.24
CA LEU C 290 2.49 -21.70 16.24
C LEU C 290 2.80 -23.08 16.80
N GLU C 291 1.93 -23.57 17.68
CA GLU C 291 2.20 -24.85 18.34
C GLU C 291 2.11 -26.06 17.34
N THR C 292 1.01 -26.12 16.61
CA THR C 292 0.85 -27.21 15.66
C THR C 292 1.37 -26.91 14.25
N GLY C 293 1.58 -25.64 13.95
CA GLY C 293 1.94 -25.22 12.62
C GLY C 293 0.77 -25.22 11.64
N LYS C 294 -0.43 -25.38 12.16
CA LYS C 294 -1.64 -25.37 11.29
C LYS C 294 -2.28 -24.02 11.20
N THR C 295 -3.03 -23.76 10.13
CA THR C 295 -3.77 -22.51 10.01
C THR C 295 -5.24 -22.83 9.84
N TYR C 296 -6.08 -22.52 10.79
CA TYR C 296 -7.50 -22.82 10.84
C TYR C 296 -8.33 -21.66 10.29
N VAL C 297 -9.21 -22.01 9.35
CA VAL C 297 -10.03 -21.01 8.68
C VAL C 297 -11.50 -21.16 9.13
N HIS C 298 -12.13 -20.03 9.43
CA HIS C 298 -13.49 -19.96 10.00
C HIS C 298 -14.19 -18.74 9.44
N GLY C 299 -15.46 -18.89 9.09
CA GLY C 299 -16.28 -17.75 8.76
C GLY C 299 -16.44 -17.68 7.26
N LYS C 300 -17.07 -16.61 6.78
CA LYS C 300 -17.38 -16.48 5.36
C LYS C 300 -17.62 -15.02 5.05
N LEU C 301 -17.40 -14.65 3.78
CA LEU C 301 -17.74 -13.34 3.25
C LEU C 301 -19.19 -13.31 2.81
N ASN C 302 -19.78 -12.14 2.84
CA ASN C 302 -21.17 -11.96 2.45
C ASN C 302 -21.45 -10.66 1.67
N ALA C 303 -21.13 -10.67 0.36
CA ALA C 303 -21.34 -9.50 -0.52
C ALA C 303 -22.82 -9.10 -0.71
N GLU C 304 -23.70 -10.10 -0.70
N GLU C 304 -23.69 -10.11 -0.68
CA GLU C 304 -25.13 -9.82 -0.90
CA GLU C 304 -25.12 -9.89 -0.88
C GLU C 304 -25.63 -8.92 0.25
C GLU C 304 -25.66 -8.97 0.24
N VAL C 305 -25.39 -9.34 1.49
CA VAL C 305 -25.80 -8.52 2.66
C VAL C 305 -25.06 -7.16 2.73
N LEU C 306 -23.78 -7.19 2.41
CA LEU C 306 -22.97 -5.95 2.32
C LEU C 306 -23.61 -4.90 1.38
N PHE C 307 -24.00 -5.39 0.18
CA PHE C 307 -24.61 -4.48 -0.83
C PHE C 307 -25.96 -3.91 -0.42
N GLN C 308 -26.74 -4.72 0.31
CA GLN C 308 -27.96 -4.23 0.97
C GLN C 308 -27.61 -3.15 2.01
N SER C 309 -26.69 -3.50 2.89
CA SER C 309 -26.23 -2.60 3.92
C SER C 309 -25.77 -1.23 3.35
N TYR C 310 -25.03 -1.31 2.25
CA TYR C 310 -24.39 -0.16 1.60
C TYR C 310 -25.35 0.65 0.74
N GLN C 311 -26.60 0.18 0.62
CA GLN C 311 -27.62 0.89 -0.14
C GLN C 311 -27.11 1.11 -1.58
N ILE C 312 -26.44 0.05 -2.08
CA ILE C 312 -26.04 -0.04 -3.51
C ILE C 312 -27.22 -0.06 -4.48
N VAL C 313 -27.13 0.79 -5.50
CA VAL C 313 -28.13 0.81 -6.62
C VAL C 313 -27.43 0.35 -7.89
N LEU C 314 -27.82 -0.82 -8.46
CA LEU C 314 -27.20 -1.24 -9.68
C LEU C 314 -28.16 -0.85 -10.76
N GLU C 315 -27.74 -0.93 -12.02
CA GLU C 315 -28.59 -0.52 -13.17
C GLU C 315 -29.71 -1.50 -13.62
#